data_2JA3
#
_entry.id   2JA3
#
_cell.length_a   126.567
_cell.length_b   149.308
_cell.length_c   81.030
_cell.angle_alpha   90.00
_cell.angle_beta   90.00
_cell.angle_gamma   90.00
#
_symmetry.space_group_name_H-M   'P 21 21 2'
#
loop_
_entity.id
_entity.type
_entity.pdbx_description
1 polymer 'CHLORIDE CHANNEL PROTEIN 5'
2 non-polymer "ADENOSINE-5'-DIPHOSPHATE"
#
_entity_poly.entity_id   1
_entity_poly.type   'polypeptide(L)'
_entity_poly.pdbx_seq_one_letter_code
;MEAKEEFAHKTLAMDVMKPRRNDPLLTVLTQDSMTVEDVETIISETTYSGFPVVVSRESQRLVGFVLRRDLIISIENARK
KQDGVVSTSIIYFTEHSPPLPPYTPPTLKLRNILDLSPFTVTDLTPMEIVVDIFRKLGLRQCLVTHNGRLLGIITKKDVL
KHIAQMANQDPDSILFNEFLEVLFQ
;
_entity_poly.pdbx_strand_id   A,B,C,D,E,F
#
loop_
_chem_comp.id
_chem_comp.type
_chem_comp.name
_chem_comp.formula
ADP non-polymer ADENOSINE-5'-DIPHOSPHATE 'C10 H15 N5 O10 P2'
#
# COMPACT_ATOMS: atom_id res chain seq x y z
N HIS A 9 10.38 -24.30 17.73
CA HIS A 9 10.54 -22.87 18.14
C HIS A 9 9.96 -21.89 17.12
N LYS A 10 10.15 -22.18 15.83
CA LYS A 10 9.68 -21.29 14.76
C LYS A 10 8.35 -21.77 14.18
N THR A 11 7.31 -20.96 14.33
CA THR A 11 5.94 -21.33 13.94
C THR A 11 5.71 -21.39 12.42
N LEU A 12 5.38 -22.59 11.93
CA LEU A 12 5.25 -22.85 10.48
C LEU A 12 3.80 -23.03 10.00
N ALA A 13 3.64 -23.27 8.71
CA ALA A 13 2.32 -23.41 8.07
C ALA A 13 1.60 -24.69 8.48
N MET A 14 2.38 -25.70 8.85
CA MET A 14 1.81 -26.98 9.31
C MET A 14 1.38 -26.88 10.75
N ASP A 15 1.84 -25.83 11.43
CA ASP A 15 1.46 -25.60 12.81
C ASP A 15 0.03 -25.05 12.90
N VAL A 16 -0.38 -24.26 11.91
CA VAL A 16 -1.67 -23.60 11.95
C VAL A 16 -2.74 -24.26 11.07
N MET A 17 -2.29 -25.03 10.09
CA MET A 17 -3.20 -25.70 9.16
C MET A 17 -4.18 -26.63 9.86
N LYS A 18 -5.33 -26.83 9.24
CA LYS A 18 -6.26 -27.87 9.67
C LYS A 18 -6.28 -28.96 8.61
N PRO A 19 -6.38 -30.24 9.03
CA PRO A 19 -6.68 -30.74 10.37
C PRO A 19 -5.49 -30.72 11.32
N ARG A 20 -5.77 -30.57 12.61
CA ARG A 20 -4.76 -30.61 13.65
C ARG A 20 -4.41 -32.05 14.01
N ARG A 21 -3.78 -32.23 15.17
CA ARG A 21 -3.36 -33.54 15.65
C ARG A 21 -4.56 -34.45 15.92
N ASN A 22 -5.44 -34.03 16.83
CA ASN A 22 -6.63 -34.81 17.15
C ASN A 22 -7.86 -34.32 16.38
N ASP A 23 -7.66 -34.02 15.10
CA ASP A 23 -8.73 -33.63 14.20
C ASP A 23 -8.89 -34.68 13.09
N PRO A 24 -10.07 -34.70 12.43
CA PRO A 24 -10.36 -35.69 11.40
C PRO A 24 -9.69 -35.36 10.06
N LEU A 25 -9.69 -36.32 9.13
CA LEU A 25 -9.10 -36.10 7.80
C LEU A 25 -9.71 -34.90 7.05
N LEU A 26 -8.97 -34.37 6.10
CA LEU A 26 -9.44 -33.25 5.29
C LEU A 26 -10.65 -33.70 4.49
N THR A 27 -11.70 -32.88 4.44
CA THR A 27 -12.87 -33.19 3.62
C THR A 27 -12.65 -32.76 2.18
N VAL A 28 -12.60 -33.75 1.29
CA VAL A 28 -12.20 -33.55 -0.10
C VAL A 28 -13.19 -34.18 -1.08
N LEU A 29 -13.28 -33.61 -2.29
CA LEU A 29 -14.03 -34.23 -3.38
C LEU A 29 -13.05 -34.80 -4.40
N THR A 30 -13.34 -35.98 -4.95
CA THR A 30 -12.57 -36.46 -6.08
C THR A 30 -13.09 -35.83 -7.36
N GLN A 31 -12.28 -35.84 -8.41
CA GLN A 31 -12.68 -35.24 -9.68
C GLN A 31 -13.45 -36.20 -10.59
N ASP A 32 -13.54 -37.46 -10.18
CA ASP A 32 -14.09 -38.50 -11.06
C ASP A 32 -14.99 -39.56 -10.41
N SER A 33 -14.90 -39.73 -9.09
CA SER A 33 -15.51 -40.91 -8.44
C SER A 33 -16.59 -40.62 -7.40
N MET A 34 -16.94 -39.35 -7.21
CA MET A 34 -18.00 -39.00 -6.27
C MET A 34 -19.35 -39.00 -6.98
N THR A 35 -20.33 -39.67 -6.38
CA THR A 35 -21.68 -39.63 -6.92
C THR A 35 -22.41 -38.43 -6.31
N VAL A 36 -23.58 -38.11 -6.84
CA VAL A 36 -24.39 -36.99 -6.33
C VAL A 36 -24.80 -37.16 -4.86
N GLU A 37 -25.05 -38.40 -4.44
CA GLU A 37 -25.43 -38.70 -3.05
C GLU A 37 -24.29 -38.43 -2.08
N ASP A 38 -23.09 -38.90 -2.41
CA ASP A 38 -21.91 -38.67 -1.57
C ASP A 38 -21.72 -37.19 -1.28
N VAL A 39 -21.84 -36.37 -2.32
CA VAL A 39 -21.60 -34.93 -2.23
C VAL A 39 -22.72 -34.24 -1.47
N GLU A 40 -23.92 -34.83 -1.53
CA GLU A 40 -25.07 -34.30 -0.80
C GLU A 40 -24.99 -34.64 0.69
N THR A 41 -24.50 -35.83 1.01
CA THR A 41 -24.32 -36.21 2.42
C THR A 41 -23.10 -35.51 3.03
N ILE A 42 -22.34 -34.82 2.18
CA ILE A 42 -21.21 -34.04 2.66
C ILE A 42 -21.66 -32.61 2.93
N ILE A 43 -22.58 -32.12 2.10
CA ILE A 43 -23.10 -30.76 2.23
C ILE A 43 -23.97 -30.59 3.49
N SER A 44 -24.64 -31.66 3.89
CA SER A 44 -25.51 -31.60 5.06
C SER A 44 -24.74 -31.88 6.35
N GLU A 45 -23.67 -32.66 6.26
CA GLU A 45 -22.90 -33.06 7.44
C GLU A 45 -21.77 -32.09 7.82
N THR A 46 -21.55 -31.06 7.00
CA THR A 46 -20.46 -30.13 7.24
C THR A 46 -20.94 -28.68 7.09
N THR A 47 -20.13 -27.72 7.52
CA THR A 47 -20.46 -26.31 7.30
C THR A 47 -19.32 -25.53 6.67
N TYR A 48 -18.33 -26.26 6.15
CA TYR A 48 -17.20 -25.67 5.44
C TYR A 48 -17.61 -24.76 4.26
N SER A 49 -16.90 -23.65 4.07
CA SER A 49 -17.20 -22.73 2.96
C SER A 49 -16.92 -23.37 1.61
N GLY A 50 -15.94 -24.27 1.58
CA GLY A 50 -15.52 -24.90 0.34
C GLY A 50 -14.76 -26.21 0.48
N PHE A 51 -14.48 -26.84 -0.66
CA PHE A 51 -13.84 -28.14 -0.68
C PHE A 51 -12.74 -28.19 -1.74
N PRO A 52 -11.54 -28.64 -1.35
CA PRO A 52 -10.51 -28.95 -2.32
C PRO A 52 -10.95 -30.10 -3.22
N VAL A 53 -10.56 -30.04 -4.50
CA VAL A 53 -10.83 -31.12 -5.44
C VAL A 53 -9.52 -31.75 -5.88
N VAL A 54 -9.39 -33.06 -5.69
CA VAL A 54 -8.15 -33.76 -6.02
C VAL A 54 -8.37 -34.74 -7.15
N VAL A 55 -7.27 -35.35 -7.62
CA VAL A 55 -7.36 -36.34 -8.70
C VAL A 55 -7.88 -37.67 -8.13
N SER A 56 -7.48 -37.96 -6.89
CA SER A 56 -7.84 -39.20 -6.22
C SER A 56 -7.36 -39.15 -4.77
N ARG A 57 -7.91 -40.01 -3.92
CA ARG A 57 -7.52 -40.09 -2.52
C ARG A 57 -6.10 -40.64 -2.36
N GLU A 58 -5.72 -41.54 -3.26
CA GLU A 58 -4.37 -42.09 -3.32
C GLU A 58 -3.31 -41.00 -3.56
N SER A 59 -3.49 -40.23 -4.63
CA SER A 59 -2.53 -39.20 -5.03
C SER A 59 -2.58 -37.95 -4.17
N GLN A 60 -3.80 -37.49 -3.88
CA GLN A 60 -4.04 -36.22 -3.17
C GLN A 60 -3.45 -35.01 -3.90
N ARG A 61 -3.32 -35.12 -5.22
CA ARG A 61 -2.86 -34.01 -6.07
C ARG A 61 -3.99 -33.03 -6.37
N LEU A 62 -3.72 -31.74 -6.22
CA LEU A 62 -4.73 -30.70 -6.28
C LEU A 62 -5.21 -30.41 -7.69
N VAL A 63 -6.53 -30.29 -7.84
CA VAL A 63 -7.13 -29.93 -9.14
C VAL A 63 -7.78 -28.55 -9.08
N GLY A 64 -8.28 -28.19 -7.90
CA GLY A 64 -8.88 -26.87 -7.69
C GLY A 64 -9.68 -26.79 -6.40
N PHE A 65 -10.49 -25.74 -6.29
CA PHE A 65 -11.29 -25.51 -5.10
C PHE A 65 -12.71 -25.15 -5.52
N VAL A 66 -13.70 -25.65 -4.79
CA VAL A 66 -15.10 -25.38 -5.11
C VAL A 66 -15.90 -24.98 -3.88
N LEU A 67 -16.72 -23.94 -4.03
CA LEU A 67 -17.54 -23.44 -2.93
C LEU A 67 -18.81 -24.28 -2.68
N ARG A 68 -19.22 -24.38 -1.41
CA ARG A 68 -20.47 -25.06 -1.05
C ARG A 68 -21.67 -24.41 -1.71
N ARG A 69 -21.76 -23.08 -1.64
CA ARG A 69 -22.93 -22.37 -2.13
C ARG A 69 -23.18 -22.68 -3.61
N ASP A 70 -22.10 -22.85 -4.37
CA ASP A 70 -22.21 -23.18 -5.79
C ASP A 70 -22.66 -24.63 -5.99
N LEU A 71 -22.02 -25.55 -5.30
CA LEU A 71 -22.44 -26.96 -5.33
C LEU A 71 -23.95 -27.11 -5.17
N ILE A 72 -24.51 -26.43 -4.17
CA ILE A 72 -25.94 -26.51 -3.89
C ILE A 72 -26.78 -26.04 -5.06
N ILE A 73 -26.52 -24.83 -5.54
CA ILE A 73 -27.25 -24.31 -6.69
C ILE A 73 -27.14 -25.26 -7.87
N SER A 74 -25.90 -25.64 -8.21
CA SER A 74 -25.63 -26.52 -9.34
C SER A 74 -26.35 -27.86 -9.25
N ILE A 75 -26.22 -28.53 -8.11
CA ILE A 75 -26.84 -29.83 -7.92
C ILE A 75 -28.36 -29.68 -7.86
N GLU A 76 -28.82 -28.66 -7.16
CA GLU A 76 -30.25 -28.34 -7.11
C GLU A 76 -30.84 -28.25 -8.52
N ASN A 77 -30.25 -27.38 -9.35
CA ASN A 77 -30.71 -27.15 -10.72
C ASN A 77 -30.69 -28.36 -11.64
N ALA A 78 -29.73 -29.26 -11.43
CA ALA A 78 -29.59 -30.43 -12.30
C ALA A 78 -30.65 -31.49 -12.03
N ARG A 79 -30.99 -31.69 -10.76
CA ARG A 79 -32.05 -32.61 -10.37
C ARG A 79 -33.39 -32.08 -10.89
N LYS A 80 -33.35 -30.80 -11.29
CA LYS A 80 -34.54 -30.04 -11.66
C LYS A 80 -34.57 -29.81 -13.17
N LYS A 81 -33.70 -30.49 -13.91
CA LYS A 81 -33.47 -30.15 -15.31
C LYS A 81 -34.19 -31.09 -16.28
N GLN A 82 -34.36 -32.33 -15.82
CA GLN A 82 -34.44 -33.55 -16.62
C GLN A 82 -33.49 -33.68 -17.81
N ASP A 83 -32.22 -33.86 -17.47
CA ASP A 83 -31.29 -34.70 -18.19
C ASP A 83 -31.21 -36.03 -17.41
N GLY A 84 -32.25 -36.33 -16.62
CA GLY A 84 -32.33 -37.59 -15.89
C GLY A 84 -31.26 -37.84 -14.83
N VAL A 85 -30.82 -36.78 -14.17
CA VAL A 85 -29.79 -36.90 -13.13
C VAL A 85 -30.40 -37.45 -11.83
N VAL A 86 -29.84 -38.54 -11.33
CA VAL A 86 -30.34 -39.18 -10.11
C VAL A 86 -29.27 -39.31 -9.02
N SER A 87 -29.57 -40.04 -7.96
CA SER A 87 -28.66 -40.12 -6.80
C SER A 87 -27.37 -40.89 -7.05
N THR A 88 -27.39 -41.82 -8.00
CA THR A 88 -26.19 -42.62 -8.30
C THR A 88 -25.41 -42.06 -9.51
N SER A 89 -25.74 -40.85 -9.91
CA SER A 89 -25.02 -40.14 -10.98
C SER A 89 -23.63 -39.75 -10.52
N ILE A 90 -22.64 -40.06 -11.35
CA ILE A 90 -21.26 -39.63 -11.09
C ILE A 90 -21.09 -38.15 -11.44
N ILE A 91 -20.34 -37.43 -10.60
CA ILE A 91 -19.98 -36.05 -10.88
C ILE A 91 -18.51 -35.99 -11.31
N TYR A 92 -18.19 -35.09 -12.23
CA TYR A 92 -16.80 -34.92 -12.65
C TYR A 92 -16.43 -33.46 -12.95
N PHE A 93 -15.18 -33.12 -12.68
CA PHE A 93 -14.66 -31.76 -12.87
C PHE A 93 -13.66 -31.66 -14.02
N THR A 94 -13.35 -32.79 -14.65
CA THR A 94 -12.49 -32.78 -15.82
C THR A 94 -13.34 -32.29 -16.98
N GLU A 95 -12.73 -32.10 -18.14
CA GLU A 95 -13.44 -31.61 -19.32
C GLU A 95 -14.35 -32.70 -19.91
N HIS A 96 -14.00 -33.95 -19.68
CA HIS A 96 -14.74 -35.07 -20.23
C HIS A 96 -14.99 -36.17 -19.18
N SER A 97 -16.10 -36.88 -19.33
CA SER A 97 -16.45 -37.97 -18.44
C SER A 97 -15.40 -39.08 -18.45
N PRO A 98 -15.30 -39.84 -17.35
CA PRO A 98 -14.44 -41.03 -17.30
C PRO A 98 -15.14 -42.23 -17.91
N PRO A 99 -14.41 -43.32 -18.15
CA PRO A 99 -15.02 -44.55 -18.67
C PRO A 99 -16.07 -45.13 -17.72
N LEU A 100 -17.26 -45.39 -18.24
CA LEU A 100 -18.37 -45.88 -17.41
C LEU A 100 -18.91 -47.24 -17.86
N PRO A 101 -19.15 -48.14 -16.89
CA PRO A 101 -19.71 -49.48 -17.11
C PRO A 101 -21.03 -49.43 -17.89
N PRO A 102 -21.44 -50.57 -18.47
CA PRO A 102 -22.50 -50.62 -19.48
C PRO A 102 -23.75 -49.87 -19.06
N TYR A 103 -24.42 -50.37 -18.03
CA TYR A 103 -25.69 -49.80 -17.61
C TYR A 103 -25.52 -48.87 -16.40
N THR A 104 -25.02 -47.65 -16.66
CA THR A 104 -24.89 -46.62 -15.63
C THR A 104 -25.71 -45.39 -16.01
N PRO A 105 -26.18 -44.64 -15.00
CA PRO A 105 -26.99 -43.44 -15.19
C PRO A 105 -26.19 -42.24 -15.71
N PRO A 106 -26.87 -41.24 -16.28
CA PRO A 106 -26.25 -40.00 -16.79
C PRO A 106 -25.33 -39.30 -15.77
N THR A 107 -24.50 -38.38 -16.26
CA THR A 107 -23.53 -37.70 -15.40
C THR A 107 -23.84 -36.23 -15.24
N LEU A 108 -23.08 -35.59 -14.37
CA LEU A 108 -23.19 -34.16 -14.12
C LEU A 108 -21.79 -33.54 -14.15
N LYS A 109 -21.53 -32.77 -15.20
CA LYS A 109 -20.28 -32.04 -15.31
C LYS A 109 -20.37 -30.74 -14.50
N LEU A 110 -19.49 -30.58 -13.51
CA LEU A 110 -19.50 -29.39 -12.65
C LEU A 110 -18.19 -28.59 -12.77
N ARG A 111 -17.64 -28.55 -13.98
CA ARG A 111 -16.36 -27.89 -14.25
C ARG A 111 -16.49 -26.38 -14.14
N ASN A 112 -17.63 -25.84 -14.57
CA ASN A 112 -17.81 -24.39 -14.69
C ASN A 112 -17.96 -23.63 -13.37
N ILE A 113 -17.89 -24.33 -12.25
CA ILE A 113 -17.90 -23.67 -10.95
C ILE A 113 -16.67 -24.05 -10.15
N LEU A 114 -15.74 -24.71 -10.81
CA LEU A 114 -14.48 -25.03 -10.17
C LEU A 114 -13.51 -23.90 -10.40
N ASP A 115 -12.92 -23.41 -9.32
CA ASP A 115 -11.82 -22.48 -9.41
C ASP A 115 -10.57 -23.30 -9.73
N LEU A 116 -9.93 -22.97 -10.85
CA LEU A 116 -8.78 -23.73 -11.31
C LEU A 116 -7.46 -23.12 -10.86
N SER A 117 -7.52 -22.00 -10.14
CA SER A 117 -6.31 -21.31 -9.71
C SER A 117 -6.27 -20.93 -8.24
N PRO A 118 -6.45 -21.92 -7.35
CA PRO A 118 -6.48 -21.59 -5.93
C PRO A 118 -5.07 -21.34 -5.41
N PHE A 119 -4.92 -20.39 -4.48
CA PHE A 119 -3.61 -20.09 -3.92
C PHE A 119 -3.13 -21.19 -2.97
N THR A 120 -1.86 -21.55 -3.11
CA THR A 120 -1.28 -22.68 -2.39
C THR A 120 0.05 -22.29 -1.79
N VAL A 121 0.46 -23.00 -0.76
CA VAL A 121 1.73 -22.74 -0.10
C VAL A 121 2.25 -24.05 0.49
N THR A 122 3.57 -24.16 0.69
CA THR A 122 4.14 -25.40 1.24
C THR A 122 3.98 -25.48 2.75
N ASP A 123 3.99 -26.69 3.29
CA ASP A 123 3.81 -26.88 4.73
C ASP A 123 4.96 -26.34 5.56
N LEU A 124 6.06 -25.98 4.91
CA LEU A 124 7.24 -25.47 5.62
C LEU A 124 7.36 -23.95 5.54
N THR A 125 6.35 -23.31 4.95
CA THR A 125 6.34 -21.85 4.84
C THR A 125 6.18 -21.25 6.22
N PRO A 126 7.00 -20.24 6.56
CA PRO A 126 6.88 -19.47 7.81
C PRO A 126 5.54 -18.73 7.91
N MET A 127 4.92 -18.77 9.09
CA MET A 127 3.60 -18.15 9.28
C MET A 127 3.57 -16.64 9.02
N GLU A 128 4.67 -15.96 9.32
CA GLU A 128 4.82 -14.52 9.04
C GLU A 128 4.67 -14.24 7.54
N ILE A 129 5.10 -15.19 6.72
CA ILE A 129 4.99 -15.06 5.28
C ILE A 129 3.57 -15.37 4.80
N VAL A 130 2.93 -16.36 5.40
CA VAL A 130 1.55 -16.70 5.06
C VAL A 130 0.60 -15.56 5.41
N VAL A 131 0.88 -14.88 6.53
CA VAL A 131 0.09 -13.74 6.96
C VAL A 131 0.28 -12.58 5.99
N ASP A 132 1.51 -12.42 5.53
CA ASP A 132 1.88 -11.35 4.62
C ASP A 132 1.13 -11.51 3.29
N ILE A 133 1.13 -12.72 2.77
CA ILE A 133 0.43 -13.04 1.55
C ILE A 133 -1.07 -12.79 1.72
N PHE A 134 -1.62 -13.22 2.85
CA PHE A 134 -3.04 -13.04 3.15
C PHE A 134 -3.46 -11.58 3.17
N ARG A 135 -2.61 -10.70 3.71
CA ARG A 135 -2.91 -9.28 3.75
C ARG A 135 -2.79 -8.61 2.37
N LYS A 136 -1.69 -8.86 1.67
CA LYS A 136 -1.42 -8.20 0.40
C LYS A 136 -2.31 -8.68 -0.76
N LEU A 137 -2.65 -9.96 -0.77
CA LEU A 137 -3.44 -10.51 -1.87
C LEU A 137 -4.93 -10.57 -1.57
N GLY A 138 -5.31 -10.32 -0.33
CA GLY A 138 -6.71 -10.38 0.07
C GLY A 138 -7.29 -11.77 -0.17
N LEU A 139 -6.64 -12.79 0.39
CA LEU A 139 -7.10 -14.16 0.22
C LEU A 139 -8.19 -14.50 1.22
N ARG A 140 -9.16 -15.30 0.77
CA ARG A 140 -10.23 -15.81 1.61
C ARG A 140 -9.81 -17.14 2.23
N GLN A 141 -8.88 -17.82 1.55
CA GLN A 141 -8.28 -19.06 2.04
C GLN A 141 -7.04 -19.46 1.24
N CYS A 142 -6.34 -20.47 1.75
CA CYS A 142 -5.06 -20.87 1.19
C CYS A 142 -4.80 -22.35 1.46
N LEU A 143 -4.41 -23.08 0.42
CA LEU A 143 -4.22 -24.51 0.55
C LEU A 143 -2.77 -24.87 0.82
N VAL A 144 -2.55 -25.89 1.64
CA VAL A 144 -1.22 -26.23 2.10
C VAL A 144 -0.77 -27.59 1.56
N THR A 145 0.44 -27.63 0.99
CA THR A 145 0.94 -28.83 0.33
C THR A 145 2.28 -29.31 0.90
N HIS A 146 2.57 -30.61 0.70
CA HIS A 146 3.91 -31.15 0.96
C HIS A 146 4.37 -31.97 -0.24
N ASN A 147 5.33 -31.43 -1.00
CA ASN A 147 5.84 -32.08 -2.20
C ASN A 147 4.77 -32.34 -3.24
N GLY A 148 3.91 -31.35 -3.45
CA GLY A 148 2.87 -31.46 -4.46
C GLY A 148 1.60 -32.20 -4.05
N ARG A 149 1.58 -32.77 -2.84
CA ARG A 149 0.36 -33.42 -2.35
C ARG A 149 -0.34 -32.54 -1.31
N LEU A 150 -1.66 -32.59 -1.30
CA LEU A 150 -2.47 -31.75 -0.42
C LEU A 150 -2.47 -32.29 1.01
N LEU A 151 -2.11 -31.44 1.96
CA LEU A 151 -2.08 -31.81 3.38
C LEU A 151 -3.21 -31.18 4.17
N GLY A 152 -3.51 -29.92 3.90
CA GLY A 152 -4.46 -29.18 4.72
C GLY A 152 -4.90 -27.84 4.16
N ILE A 153 -5.39 -26.97 5.04
CA ILE A 153 -6.01 -25.71 4.64
C ILE A 153 -5.89 -24.65 5.74
N ILE A 154 -5.79 -23.39 5.32
CA ILE A 154 -5.80 -22.26 6.23
C ILE A 154 -6.80 -21.22 5.71
N THR A 155 -7.71 -20.78 6.56
CA THR A 155 -8.72 -19.81 6.17
C THR A 155 -8.38 -18.44 6.75
N LYS A 156 -9.01 -17.40 6.22
CA LYS A 156 -8.78 -16.04 6.68
C LYS A 156 -8.94 -15.94 8.19
N LYS A 157 -9.95 -16.64 8.72
CA LYS A 157 -10.26 -16.60 10.15
C LYS A 157 -9.26 -17.40 10.99
N ASP A 158 -8.68 -18.44 10.39
CA ASP A 158 -7.60 -19.18 11.03
C ASP A 158 -6.43 -18.27 11.31
N VAL A 159 -6.15 -17.39 10.34
CA VAL A 159 -5.06 -16.42 10.43
C VAL A 159 -5.34 -15.38 11.51
N LEU A 160 -6.62 -15.09 11.74
CA LEU A 160 -7.00 -14.13 12.77
C LEU A 160 -6.91 -14.75 14.16
N LYS A 161 -7.25 -16.03 14.29
CA LYS A 161 -7.13 -16.74 15.56
C LYS A 161 -5.67 -16.97 15.96
N HIS A 162 -4.79 -17.06 14.97
CA HIS A 162 -3.36 -17.21 15.21
C HIS A 162 -2.76 -15.91 15.72
N ILE A 163 -3.13 -14.79 15.12
CA ILE A 163 -2.68 -13.48 15.58
C ILE A 163 -3.09 -13.28 17.04
N ALA A 164 -4.34 -13.61 17.34
CA ALA A 164 -4.87 -13.54 18.69
C ALA A 164 -3.98 -14.27 19.68
N GLN A 165 -3.73 -15.54 19.40
CA GLN A 165 -2.92 -16.41 20.25
C GLN A 165 -1.57 -15.78 20.58
N MET A 166 -0.98 -15.09 19.60
CA MET A 166 0.32 -14.44 19.79
C MET A 166 0.23 -13.29 20.78
N ALA A 167 -0.90 -12.57 20.77
CA ALA A 167 -1.07 -11.38 21.62
C ALA A 167 -1.57 -11.74 23.03
N ASN A 168 -0.65 -12.11 23.91
CA ASN A 168 -0.98 -12.48 25.29
C ASN A 168 0.18 -12.21 26.25
N PHE A 176 6.30 -12.81 22.62
CA PHE A 176 6.55 -12.98 21.20
C PHE A 176 6.74 -11.65 20.47
N ASN A 177 7.92 -11.47 19.89
CA ASN A 177 8.22 -10.30 19.07
C ASN A 177 7.70 -10.47 17.64
N GLU A 178 7.14 -11.64 17.35
CA GLU A 178 6.61 -11.91 16.01
C GLU A 178 5.24 -11.27 15.82
N PHE A 179 4.55 -11.03 16.93
CA PHE A 179 3.24 -10.37 16.87
C PHE A 179 3.39 -8.89 16.58
N LEU A 180 4.57 -8.35 16.86
CA LEU A 180 4.77 -6.92 16.78
C LEU A 180 5.20 -6.45 15.39
N GLU A 181 5.53 -7.39 14.50
CA GLU A 181 5.87 -7.02 13.13
C GLU A 181 4.75 -7.35 12.17
N VAL A 182 3.52 -7.13 12.64
CA VAL A 182 2.33 -7.30 11.83
C VAL A 182 1.27 -6.30 12.29
N HIS B 9 -8.68 -13.84 -27.19
CA HIS B 9 -7.80 -14.86 -26.58
C HIS B 9 -6.93 -14.25 -25.47
N LYS B 10 -7.35 -14.46 -24.22
CA LYS B 10 -6.63 -13.96 -23.04
C LYS B 10 -5.34 -14.75 -22.78
N THR B 11 -4.29 -14.05 -22.37
CA THR B 11 -2.99 -14.70 -22.11
C THR B 11 -2.87 -15.23 -20.68
N LEU B 12 -2.56 -16.51 -20.56
CA LEU B 12 -2.46 -17.19 -19.27
C LEU B 12 -1.01 -17.39 -18.87
N ALA B 13 -0.79 -18.12 -17.77
CA ALA B 13 0.55 -18.39 -17.29
C ALA B 13 1.32 -19.33 -18.21
N MET B 14 0.60 -20.21 -18.88
CA MET B 14 1.22 -21.17 -19.79
C MET B 14 1.74 -20.52 -21.08
N ASP B 15 1.23 -19.34 -21.40
CA ASP B 15 1.63 -18.62 -22.61
C ASP B 15 2.91 -17.81 -22.42
N VAL B 16 3.35 -17.65 -21.18
CA VAL B 16 4.51 -16.80 -20.89
C VAL B 16 5.67 -17.60 -20.28
N MET B 17 5.34 -18.77 -19.73
CA MET B 17 6.32 -19.59 -19.06
C MET B 17 7.32 -20.20 -20.03
N LYS B 18 8.52 -20.50 -19.53
CA LYS B 18 9.49 -21.30 -20.26
C LYS B 18 9.52 -22.68 -19.61
N PRO B 19 9.69 -23.75 -20.42
CA PRO B 19 10.00 -23.73 -21.84
C PRO B 19 8.79 -23.32 -22.68
N ARG B 20 9.05 -22.73 -23.85
CA ARG B 20 7.98 -22.41 -24.79
C ARG B 20 7.60 -23.68 -25.54
N ARG B 21 6.80 -23.52 -26.60
CA ARG B 21 6.37 -24.65 -27.42
C ARG B 21 7.55 -25.42 -28.03
N ASN B 22 7.59 -26.73 -27.77
CA ASN B 22 8.59 -27.61 -28.38
C ASN B 22 10.05 -27.19 -28.19
N ASP B 23 10.40 -26.83 -26.95
CA ASP B 23 11.77 -26.54 -26.55
C ASP B 23 12.18 -27.59 -25.52
N PRO B 24 13.50 -27.72 -25.24
CA PRO B 24 13.97 -28.70 -24.25
C PRO B 24 13.33 -28.51 -22.88
N LEU B 25 13.21 -29.61 -22.13
CA LEU B 25 12.56 -29.60 -20.81
C LEU B 25 13.25 -28.73 -19.76
N LEU B 26 12.50 -28.31 -18.76
CA LEU B 26 13.05 -27.54 -17.66
C LEU B 26 14.29 -28.21 -17.09
N THR B 27 15.35 -27.45 -16.90
CA THR B 27 16.55 -27.97 -16.25
C THR B 27 16.33 -28.05 -14.74
N VAL B 28 16.25 -29.28 -14.23
CA VAL B 28 15.87 -29.52 -12.84
C VAL B 28 16.95 -30.35 -12.13
N LEU B 29 16.84 -30.45 -10.80
CA LEU B 29 17.66 -31.38 -10.01
C LEU B 29 16.74 -32.31 -9.21
N THR B 30 17.21 -33.50 -8.86
CA THR B 30 16.42 -34.40 -8.03
C THR B 30 16.85 -34.27 -6.58
N GLN B 31 16.03 -34.76 -5.66
CA GLN B 31 16.29 -34.59 -4.23
C GLN B 31 17.18 -35.69 -3.64
N ASP B 32 17.54 -36.67 -4.46
CA ASP B 32 18.02 -37.94 -3.92
C ASP B 32 19.05 -38.69 -4.78
N SER B 33 18.95 -38.57 -6.10
CA SER B 33 19.62 -39.49 -7.00
C SER B 33 20.76 -38.91 -7.82
N MET B 34 21.06 -37.63 -7.64
CA MET B 34 22.11 -36.99 -8.44
C MET B 34 23.44 -36.89 -7.71
N THR B 35 24.53 -37.03 -8.45
CA THR B 35 25.87 -36.93 -7.89
C THR B 35 26.48 -35.55 -8.12
N VAL B 36 27.64 -35.33 -7.52
CA VAL B 36 28.36 -34.07 -7.64
C VAL B 36 28.65 -33.75 -9.11
N GLU B 37 29.06 -34.76 -9.86
CA GLU B 37 29.39 -34.58 -11.27
C GLU B 37 28.18 -34.16 -12.11
N ASP B 38 27.03 -34.75 -11.80
CA ASP B 38 25.79 -34.39 -12.46
C ASP B 38 25.54 -32.90 -12.29
N VAL B 39 25.59 -32.42 -11.06
CA VAL B 39 25.36 -30.99 -10.79
C VAL B 39 26.42 -30.12 -11.44
N GLU B 40 27.65 -30.64 -11.51
CA GLU B 40 28.76 -29.90 -12.10
C GLU B 40 28.60 -29.63 -13.60
N THR B 41 28.11 -30.64 -14.34
CA THR B 41 27.92 -30.48 -15.79
C THR B 41 26.71 -29.59 -16.07
N ILE B 42 25.69 -29.69 -15.23
CA ILE B 42 24.55 -28.82 -15.37
C ILE B 42 24.96 -27.35 -15.22
N ILE B 43 25.75 -27.06 -14.19
CA ILE B 43 26.22 -25.70 -13.95
C ILE B 43 27.07 -25.24 -15.13
N SER B 44 27.90 -26.15 -15.64
CA SER B 44 28.82 -25.82 -16.72
C SER B 44 28.10 -25.52 -18.05
N GLU B 45 27.01 -26.22 -18.32
CA GLU B 45 26.30 -26.11 -19.60
C GLU B 45 25.19 -25.08 -19.62
N THR B 46 24.81 -24.55 -18.46
CA THR B 46 23.70 -23.61 -18.39
C THR B 46 24.09 -22.29 -17.72
N THR B 47 23.27 -21.27 -17.90
CA THR B 47 23.49 -19.97 -17.28
C THR B 47 22.24 -19.49 -16.55
N TYR B 48 21.37 -20.42 -16.19
CA TYR B 48 20.15 -20.11 -15.47
C TYR B 48 20.51 -19.67 -14.06
N SER B 49 19.80 -18.68 -13.54
CA SER B 49 20.04 -18.22 -12.16
C SER B 49 19.82 -19.30 -11.09
N GLY B 50 18.80 -20.13 -11.26
CA GLY B 50 18.51 -21.19 -10.30
C GLY B 50 17.81 -22.40 -10.91
N PHE B 51 17.58 -23.44 -10.12
CA PHE B 51 16.99 -24.67 -10.59
C PHE B 51 15.93 -25.21 -9.64
N PRO B 52 14.81 -25.73 -10.18
CA PRO B 52 13.84 -26.43 -9.34
C PRO B 52 14.41 -27.74 -8.83
N VAL B 53 13.89 -28.21 -7.70
CA VAL B 53 14.28 -29.50 -7.13
C VAL B 53 13.03 -30.37 -6.97
N VAL B 54 13.04 -31.54 -7.59
CA VAL B 54 11.88 -32.43 -7.58
C VAL B 54 12.17 -33.74 -6.84
N VAL B 55 11.12 -34.47 -6.47
CA VAL B 55 11.26 -35.78 -5.85
C VAL B 55 11.96 -36.75 -6.80
N SER B 56 11.53 -36.75 -8.06
CA SER B 56 12.13 -37.57 -9.09
C SER B 56 11.70 -37.06 -10.47
N ARG B 57 12.33 -37.55 -11.53
CA ARG B 57 12.03 -37.09 -12.89
C ARG B 57 10.67 -37.59 -13.41
N GLU B 58 10.21 -38.73 -12.93
CA GLU B 58 8.91 -39.25 -13.34
C GLU B 58 7.77 -38.57 -12.59
N SER B 59 7.94 -38.34 -11.29
CA SER B 59 6.93 -37.70 -10.47
C SER B 59 6.78 -36.21 -10.82
N GLN B 60 7.91 -35.54 -10.99
CA GLN B 60 7.96 -34.09 -11.21
C GLN B 60 7.33 -33.29 -10.07
N ARG B 61 7.23 -33.91 -8.90
CA ARG B 61 6.69 -33.27 -7.70
C ARG B 61 7.69 -32.28 -7.10
N LEU B 62 7.26 -31.04 -6.91
CA LEU B 62 8.14 -29.96 -6.49
C LEU B 62 8.55 -30.06 -5.02
N VAL B 63 9.84 -29.94 -4.75
CA VAL B 63 10.32 -29.85 -3.37
C VAL B 63 10.84 -28.44 -3.05
N GLY B 64 11.57 -27.84 -3.97
CA GLY B 64 12.05 -26.48 -3.74
C GLY B 64 12.77 -25.85 -4.90
N PHE B 65 13.45 -24.73 -4.62
CA PHE B 65 14.24 -24.01 -5.60
C PHE B 65 15.62 -23.73 -5.00
N VAL B 66 16.64 -23.77 -5.84
CA VAL B 66 18.02 -23.62 -5.38
C VAL B 66 18.83 -22.79 -6.36
N LEU B 67 19.64 -21.89 -5.84
CA LEU B 67 20.36 -20.96 -6.68
C LEU B 67 21.71 -21.48 -7.15
N ARG B 68 22.03 -21.17 -8.41
CA ARG B 68 23.31 -21.47 -9.02
C ARG B 68 24.47 -20.91 -8.19
N ARG B 69 24.35 -19.63 -7.83
CA ARG B 69 25.26 -18.97 -6.90
C ARG B 69 25.57 -19.84 -5.69
N ASP B 70 24.51 -20.35 -5.04
CA ASP B 70 24.64 -21.13 -3.80
C ASP B 70 25.21 -22.53 -4.02
N LEU B 71 24.84 -23.15 -5.14
CA LEU B 71 25.33 -24.49 -5.49
C LEU B 71 26.84 -24.50 -5.68
N ILE B 72 27.33 -23.54 -6.45
CA ILE B 72 28.76 -23.38 -6.71
C ILE B 72 29.56 -23.29 -5.41
N ILE B 73 29.16 -22.37 -4.54
CA ILE B 73 29.83 -22.14 -3.27
C ILE B 73 29.85 -23.40 -2.41
N SER B 74 28.73 -24.10 -2.33
CA SER B 74 28.64 -25.30 -1.50
C SER B 74 29.48 -26.45 -2.04
N ILE B 75 29.65 -26.51 -3.36
CA ILE B 75 30.40 -27.60 -3.98
C ILE B 75 31.91 -27.34 -4.01
N GLU B 76 32.30 -26.07 -4.08
CA GLU B 76 33.70 -25.71 -3.97
C GLU B 76 34.17 -25.83 -2.51
N ASN B 77 33.28 -25.54 -1.57
CA ASN B 77 33.60 -25.65 -0.15
C ASN B 77 33.74 -27.11 0.28
N ALA B 78 33.19 -28.03 -0.52
CA ALA B 78 33.25 -29.47 -0.19
C ALA B 78 34.49 -30.15 -0.75
N ARG B 79 34.99 -29.66 -1.87
CA ARG B 79 36.24 -30.16 -2.43
C ARG B 79 37.41 -29.90 -1.49
N LYS B 80 37.53 -28.66 -1.02
CA LYS B 80 38.66 -28.23 -0.18
C LYS B 80 38.83 -29.02 1.10
N LYS B 81 37.72 -29.48 1.70
CA LYS B 81 37.78 -30.25 2.94
C LYS B 81 38.48 -31.58 2.73
N GLN B 82 38.44 -32.08 1.50
CA GLN B 82 39.07 -33.36 1.15
C GLN B 82 38.77 -34.47 2.17
N ASP B 83 37.48 -34.70 2.42
CA ASP B 83 37.04 -35.64 3.44
C ASP B 83 36.23 -36.81 2.87
N GLY B 84 36.52 -37.18 1.62
CA GLY B 84 35.85 -38.32 1.01
C GLY B 84 34.83 -37.96 -0.06
N VAL B 85 34.42 -36.70 -0.11
CA VAL B 85 33.45 -36.24 -1.10
C VAL B 85 34.07 -36.14 -2.50
N VAL B 86 33.67 -37.05 -3.38
CA VAL B 86 34.19 -37.09 -4.75
C VAL B 86 33.11 -37.00 -5.82
N SER B 87 33.54 -36.83 -7.07
CA SER B 87 32.64 -36.76 -8.22
C SER B 87 31.46 -37.74 -8.17
N THR B 88 31.66 -38.91 -7.56
CA THR B 88 30.61 -39.92 -7.49
C THR B 88 29.83 -39.90 -6.16
N SER B 89 30.02 -38.86 -5.35
CA SER B 89 29.25 -38.68 -4.11
C SER B 89 27.82 -38.21 -4.41
N ILE B 90 26.86 -38.83 -3.73
CA ILE B 90 25.46 -38.48 -3.91
C ILE B 90 25.12 -37.18 -3.18
N ILE B 91 24.41 -36.30 -3.88
CA ILE B 91 23.89 -35.06 -3.31
C ILE B 91 22.43 -35.27 -2.94
N TYR B 92 22.03 -34.87 -1.75
CA TYR B 92 20.64 -34.98 -1.33
C TYR B 92 20.12 -33.73 -0.62
N PHE B 93 18.81 -33.50 -0.73
CA PHE B 93 18.17 -32.36 -0.08
C PHE B 93 17.16 -32.78 0.99
N THR B 94 17.01 -34.09 1.20
CA THR B 94 16.12 -34.62 2.23
C THR B 94 16.76 -34.41 3.60
N GLU B 95 16.03 -34.76 4.67
CA GLU B 95 16.55 -34.61 6.03
C GLU B 95 17.61 -35.66 6.39
N HIS B 96 17.40 -36.90 5.94
CA HIS B 96 18.36 -37.99 6.19
C HIS B 96 19.05 -38.43 4.91
N SER B 97 20.19 -39.09 5.04
CA SER B 97 20.92 -39.60 3.88
C SER B 97 20.25 -40.88 3.34
N PRO B 98 20.14 -41.01 2.01
CA PRO B 98 19.53 -42.19 1.40
C PRO B 98 20.28 -43.49 1.69
N PRO B 99 19.55 -44.62 1.73
CA PRO B 99 20.16 -45.93 1.92
C PRO B 99 21.06 -46.29 0.72
N LEU B 100 22.33 -46.62 1.00
CA LEU B 100 23.32 -46.87 -0.05
C LEU B 100 24.18 -48.11 0.23
N PRO B 101 24.50 -48.88 -0.82
CA PRO B 101 25.39 -50.06 -0.79
C PRO B 101 26.77 -49.81 -0.16
N PRO B 102 27.55 -50.89 0.06
CA PRO B 102 28.89 -50.78 0.65
C PRO B 102 29.94 -50.22 -0.32
N TYR B 103 31.02 -49.68 0.22
CA TYR B 103 32.13 -49.13 -0.59
C TYR B 103 31.77 -47.83 -1.32
N THR B 104 30.56 -47.31 -1.11
CA THR B 104 30.16 -46.06 -1.75
C THR B 104 30.65 -44.87 -0.94
N PRO B 105 31.12 -43.82 -1.62
CA PRO B 105 31.70 -42.65 -0.97
C PRO B 105 30.69 -41.91 -0.10
N PRO B 106 31.17 -41.05 0.82
CA PRO B 106 30.26 -40.26 1.66
C PRO B 106 29.29 -39.39 0.86
N THR B 107 28.21 -38.95 1.49
CA THR B 107 27.18 -38.17 0.80
C THR B 107 27.29 -36.67 1.06
N LEU B 108 26.69 -35.86 0.19
CA LEU B 108 26.68 -34.42 0.34
C LEU B 108 25.27 -33.89 0.57
N LYS B 109 25.02 -33.36 1.76
CA LYS B 109 23.72 -32.80 2.11
C LYS B 109 23.66 -31.31 1.79
N LEU B 110 22.74 -30.91 0.91
CA LEU B 110 22.64 -29.51 0.49
C LEU B 110 21.30 -28.87 0.86
N ARG B 111 20.63 -29.44 1.85
CA ARG B 111 19.31 -29.00 2.27
C ARG B 111 19.30 -27.58 2.87
N ASN B 112 20.45 -27.09 3.29
CA ASN B 112 20.52 -25.78 3.95
C ASN B 112 20.72 -24.60 3.00
N ILE B 113 20.68 -24.87 1.70
CA ILE B 113 20.74 -23.82 0.70
C ILE B 113 19.53 -23.89 -0.22
N LEU B 114 18.59 -24.77 0.17
CA LEU B 114 17.36 -24.99 -0.58
C LEU B 114 16.22 -24.14 -0.03
N ASP B 115 15.57 -23.38 -0.90
CA ASP B 115 14.35 -22.66 -0.54
C ASP B 115 13.18 -23.64 -0.53
N LEU B 116 12.79 -24.10 0.67
CA LEU B 116 11.72 -25.09 0.79
C LEU B 116 10.33 -24.45 0.69
N SER B 117 10.27 -23.21 0.23
CA SER B 117 8.99 -22.52 0.06
C SER B 117 8.93 -21.64 -1.20
N PRO B 118 9.14 -22.24 -2.38
CA PRO B 118 9.00 -21.47 -3.62
C PRO B 118 7.53 -21.15 -3.87
N PHE B 119 7.25 -20.01 -4.49
CA PHE B 119 5.87 -19.68 -4.80
C PHE B 119 5.38 -20.41 -6.05
N THR B 120 4.12 -20.80 -6.05
CA THR B 120 3.55 -21.61 -7.14
C THR B 120 2.27 -21.02 -7.74
N VAL B 121 2.01 -21.38 -9.00
CA VAL B 121 0.87 -20.87 -9.77
C VAL B 121 0.49 -21.88 -10.86
N THR B 122 -0.80 -22.22 -10.93
CA THR B 122 -1.26 -23.17 -11.96
C THR B 122 -1.18 -22.58 -13.37
N ASP B 123 -1.00 -23.44 -14.37
CA ASP B 123 -0.79 -23.00 -15.74
C ASP B 123 -1.97 -22.21 -16.30
N LEU B 124 -3.14 -22.41 -15.71
CA LEU B 124 -4.39 -21.80 -16.19
C LEU B 124 -4.63 -20.41 -15.60
N THR B 125 -3.83 -20.05 -14.61
CA THR B 125 -3.91 -18.72 -13.99
C THR B 125 -3.63 -17.61 -15.01
N PRO B 126 -4.51 -16.62 -15.09
CA PRO B 126 -4.29 -15.51 -16.03
C PRO B 126 -3.03 -14.70 -15.70
N MET B 127 -2.42 -14.12 -16.72
CA MET B 127 -1.23 -13.29 -16.53
C MET B 127 -1.54 -11.98 -15.81
N GLU B 128 -2.81 -11.59 -15.81
CA GLU B 128 -3.22 -10.39 -15.13
C GLU B 128 -2.96 -10.61 -13.65
N ILE B 129 -3.31 -11.80 -13.17
CA ILE B 129 -3.10 -12.16 -11.77
C ILE B 129 -1.65 -12.46 -11.42
N VAL B 130 -0.91 -13.03 -12.36
CA VAL B 130 0.50 -13.32 -12.15
C VAL B 130 1.31 -12.03 -12.04
N VAL B 131 1.02 -11.06 -12.89
CA VAL B 131 1.71 -9.79 -12.88
C VAL B 131 1.50 -9.09 -11.55
N ASP B 132 0.30 -9.27 -11.00
CA ASP B 132 -0.10 -8.63 -9.74
C ASP B 132 0.56 -9.28 -8.51
N ILE B 133 0.75 -10.60 -8.54
CA ILE B 133 1.46 -11.27 -7.47
C ILE B 133 2.94 -10.88 -7.47
N PHE B 134 3.53 -10.76 -8.65
CA PHE B 134 4.92 -10.33 -8.76
C PHE B 134 5.12 -8.94 -8.17
N ARG B 135 4.19 -8.04 -8.45
CA ARG B 135 4.25 -6.66 -7.94
C ARG B 135 4.10 -6.60 -6.43
N LYS B 136 3.11 -7.32 -5.90
CA LYS B 136 2.75 -7.23 -4.50
C LYS B 136 3.66 -7.99 -3.52
N LEU B 137 4.32 -9.03 -4.01
CA LEU B 137 5.16 -9.87 -3.14
C LEU B 137 6.64 -9.72 -3.39
N GLY B 138 7.00 -9.03 -4.47
CA GLY B 138 8.40 -8.78 -4.84
C GLY B 138 9.16 -10.04 -5.18
N LEU B 139 8.53 -10.93 -5.95
CA LEU B 139 9.11 -12.24 -6.31
C LEU B 139 10.24 -12.10 -7.31
N ARG B 140 11.23 -13.00 -7.22
CA ARG B 140 12.29 -13.07 -8.21
C ARG B 140 11.91 -14.07 -9.30
N GLN B 141 11.19 -15.12 -8.89
CA GLN B 141 10.68 -16.11 -9.83
C GLN B 141 9.41 -16.79 -9.32
N CYS B 142 8.71 -17.47 -10.22
CA CYS B 142 7.50 -18.19 -9.88
C CYS B 142 7.42 -19.47 -10.70
N LEU B 143 7.05 -20.57 -10.06
CA LEU B 143 6.99 -21.87 -10.73
C LEU B 143 5.57 -22.24 -11.15
N VAL B 144 5.42 -22.72 -12.37
CA VAL B 144 4.10 -23.04 -12.91
C VAL B 144 3.84 -24.54 -12.90
N THR B 145 2.64 -24.94 -12.51
CA THR B 145 2.32 -26.35 -12.29
C THR B 145 1.00 -26.80 -12.92
N HIS B 146 0.79 -28.11 -12.96
CA HIS B 146 -0.47 -28.71 -13.41
C HIS B 146 -0.80 -29.94 -12.58
N ASN B 147 -1.91 -29.86 -11.84
CA ASN B 147 -2.35 -30.96 -10.99
C ASN B 147 -1.26 -31.47 -10.05
N GLY B 148 -0.48 -30.56 -9.49
CA GLY B 148 0.57 -30.90 -8.54
C GLY B 148 1.89 -31.32 -9.18
N ARG B 149 1.96 -31.28 -10.50
CA ARG B 149 3.21 -31.61 -11.19
C ARG B 149 3.82 -30.38 -11.88
N LEU B 150 5.13 -30.23 -11.75
CA LEU B 150 5.82 -29.06 -12.29
C LEU B 150 5.85 -28.99 -13.82
N LEU B 151 5.57 -27.80 -14.37
CA LEU B 151 5.59 -27.57 -15.81
C LEU B 151 6.61 -26.54 -16.29
N GLY B 152 6.64 -25.38 -15.65
CA GLY B 152 7.52 -24.31 -16.13
C GLY B 152 7.90 -23.27 -15.09
N ILE B 153 8.45 -22.16 -15.57
CA ILE B 153 8.96 -21.10 -14.70
C ILE B 153 8.73 -19.73 -15.34
N ILE B 154 8.46 -18.73 -14.49
CA ILE B 154 8.38 -17.35 -14.92
C ILE B 154 9.29 -16.56 -13.99
N THR B 155 10.17 -15.74 -14.57
CA THR B 155 11.08 -14.92 -13.78
C THR B 155 10.66 -13.47 -13.86
N LYS B 156 11.11 -12.65 -12.91
CA LYS B 156 10.76 -11.23 -12.91
C LYS B 156 10.94 -10.61 -14.29
N LYS B 157 12.05 -10.89 -14.93
CA LYS B 157 12.35 -10.38 -16.26
C LYS B 157 11.33 -10.82 -17.31
N ASP B 158 10.82 -12.04 -17.20
CA ASP B 158 9.80 -12.54 -18.12
C ASP B 158 8.52 -11.71 -18.03
N VAL B 159 8.22 -11.27 -16.80
CA VAL B 159 7.07 -10.43 -16.57
C VAL B 159 7.34 -9.06 -17.17
N LEU B 160 8.54 -8.54 -16.94
CA LEU B 160 8.93 -7.24 -17.48
C LEU B 160 8.88 -7.20 -18.99
N LYS B 161 9.27 -8.30 -19.63
CA LYS B 161 9.20 -8.38 -21.08
C LYS B 161 7.74 -8.41 -21.52
N HIS B 162 6.91 -9.10 -20.75
CA HIS B 162 5.49 -9.23 -21.08
C HIS B 162 4.77 -7.89 -20.97
N ILE B 163 5.19 -7.06 -20.02
CA ILE B 163 4.56 -5.78 -19.81
C ILE B 163 5.00 -4.75 -20.86
N ALA B 164 6.27 -4.80 -21.25
CA ALA B 164 6.81 -3.88 -22.22
C ALA B 164 6.19 -4.10 -23.60
N GLN B 165 5.76 -5.33 -23.85
CA GLN B 165 5.10 -5.67 -25.10
C GLN B 165 3.69 -5.09 -25.12
N MET B 166 3.21 -4.66 -23.94
CA MET B 166 1.93 -3.98 -23.83
C MET B 166 2.09 -2.45 -23.89
N ALA B 167 3.14 -1.93 -23.26
CA ALA B 167 3.38 -0.49 -23.19
C ALA B 167 3.25 0.22 -24.53
N ASN B 168 4.14 -0.06 -25.46
CA ASN B 168 4.06 0.57 -26.79
C ASN B 168 3.21 -0.22 -27.78
N GLN B 169 1.92 0.11 -27.83
CA GLN B 169 0.97 -0.61 -28.70
C GLN B 169 -0.18 0.28 -29.18
N LEU B 175 -6.05 -2.67 -26.28
CA LEU B 175 -4.87 -3.44 -25.85
C LEU B 175 -3.90 -2.62 -24.98
N PHE B 176 -3.85 -1.30 -25.19
CA PHE B 176 -3.08 -0.40 -24.32
C PHE B 176 -3.75 -0.26 -22.97
N ASN B 177 -5.08 -0.41 -22.95
CA ASN B 177 -5.85 -0.38 -21.73
C ASN B 177 -5.39 -1.43 -20.70
N GLU B 178 -5.09 -2.64 -21.18
CA GLU B 178 -4.65 -3.71 -20.29
C GLU B 178 -3.35 -3.38 -19.58
N PHE B 179 -2.53 -2.53 -20.20
CA PHE B 179 -1.30 -2.08 -19.58
C PHE B 179 -1.61 -1.18 -18.39
N LEU B 180 -2.62 -0.34 -18.53
CA LEU B 180 -3.01 0.58 -17.48
C LEU B 180 -3.62 -0.11 -16.27
N GLU B 181 -4.13 -1.33 -16.45
CA GLU B 181 -4.62 -2.15 -15.33
C GLU B 181 -3.49 -2.44 -14.32
N VAL B 182 -2.26 -2.27 -14.78
CA VAL B 182 -1.09 -2.47 -13.93
C VAL B 182 -1.12 -1.55 -12.71
N LEU B 183 -1.57 -0.33 -12.90
CA LEU B 183 -1.60 0.65 -11.82
C LEU B 183 -2.68 0.32 -10.81
N PHE B 184 -3.59 -0.57 -11.19
CA PHE B 184 -4.71 -0.97 -10.34
C PHE B 184 -4.53 -2.39 -9.81
N HIS C 9 -25.89 -6.69 14.84
CA HIS C 9 -24.75 -7.60 14.56
C HIS C 9 -23.46 -6.80 14.45
N LYS C 10 -23.10 -6.44 13.23
CA LYS C 10 -21.89 -5.64 13.01
C LYS C 10 -22.21 -4.14 13.10
N THR C 11 -21.22 -3.37 13.58
CA THR C 11 -21.39 -1.95 13.83
C THR C 11 -21.40 -1.13 12.53
N LEU C 12 -22.41 -0.26 12.40
CA LEU C 12 -22.56 0.61 11.22
C LEU C 12 -22.11 2.03 11.52
N ALA C 13 -21.92 2.83 10.48
CA ALA C 13 -21.43 4.21 10.61
C ALA C 13 -22.31 5.07 11.50
N MET C 14 -23.60 4.74 11.55
CA MET C 14 -24.56 5.49 12.37
C MET C 14 -24.41 5.24 13.87
N ASP C 15 -23.64 4.22 14.22
CA ASP C 15 -23.40 3.85 15.62
C ASP C 15 -22.23 4.65 16.20
N VAL C 16 -21.30 5.02 15.33
CA VAL C 16 -20.09 5.72 15.74
C VAL C 16 -20.19 7.23 15.53
N MET C 17 -20.99 7.64 14.55
CA MET C 17 -21.12 9.05 14.21
C MET C 17 -21.58 9.92 15.38
N LYS C 18 -21.27 11.20 15.31
CA LYS C 18 -21.75 12.19 16.27
C LYS C 18 -22.55 13.29 15.57
N PRO C 19 -23.44 13.96 16.32
CA PRO C 19 -23.71 13.77 17.75
C PRO C 19 -24.53 12.50 18.04
N ARG C 20 -24.41 11.97 19.26
CA ARG C 20 -25.09 10.74 19.66
C ARG C 20 -26.61 10.90 19.80
N ARG C 21 -27.25 9.83 20.26
CA ARG C 21 -28.71 9.81 20.45
C ARG C 21 -29.14 10.92 21.41
N ASN C 22 -30.17 11.66 21.01
CA ASN C 22 -30.76 12.77 21.79
C ASN C 22 -29.84 13.87 22.34
N ASP C 23 -28.76 14.17 21.62
CA ASP C 23 -27.92 15.33 21.94
C ASP C 23 -28.29 16.47 20.99
N PRO C 24 -27.76 17.68 21.22
CA PRO C 24 -27.99 18.77 20.26
C PRO C 24 -27.51 18.41 18.84
N LEU C 25 -28.23 18.89 17.83
CA LEU C 25 -27.95 18.57 16.43
C LEU C 25 -26.55 19.02 15.97
N LEU C 26 -26.11 18.48 14.84
CA LEU C 26 -24.82 18.81 14.24
C LEU C 26 -24.70 20.32 14.08
N THR C 27 -23.54 20.88 14.40
CA THR C 27 -23.32 22.32 14.23
C THR C 27 -22.84 22.62 12.82
N VAL C 28 -23.66 23.38 12.09
CA VAL C 28 -23.38 23.64 10.68
C VAL C 28 -23.52 25.14 10.38
N LEU C 29 -22.90 25.58 9.29
CA LEU C 29 -23.11 26.93 8.78
C LEU C 29 -23.95 26.82 7.50
N THR C 30 -24.62 27.90 7.13
CA THR C 30 -25.39 27.91 5.91
C THR C 30 -24.63 28.75 4.90
N GLN C 31 -24.91 28.56 3.61
CA GLN C 31 -24.10 29.13 2.54
C GLN C 31 -24.45 30.58 2.20
N ASP C 32 -25.55 31.07 2.75
CA ASP C 32 -26.17 32.27 2.19
C ASP C 32 -26.73 33.26 3.21
N SER C 33 -26.93 32.81 4.46
CA SER C 33 -27.86 33.50 5.34
C SER C 33 -27.34 33.95 6.70
N MET C 34 -26.17 33.45 7.11
CA MET C 34 -25.65 33.76 8.44
C MET C 34 -24.87 35.07 8.51
N THR C 35 -25.01 35.79 9.62
CA THR C 35 -24.33 37.08 9.81
C THR C 35 -22.93 36.90 10.41
N VAL C 36 -22.13 37.95 10.36
CA VAL C 36 -20.77 37.92 10.91
C VAL C 36 -20.80 37.67 12.42
N GLU C 37 -21.78 38.27 13.08
CA GLU C 37 -21.96 38.09 14.51
C GLU C 37 -22.33 36.64 14.84
N ASP C 38 -23.18 36.05 13.99
CA ASP C 38 -23.61 34.65 14.16
C ASP C 38 -22.43 33.67 14.12
N VAL C 39 -21.57 33.80 13.12
CA VAL C 39 -20.42 32.90 13.01
C VAL C 39 -19.44 33.12 14.17
N GLU C 40 -19.33 34.36 14.62
CA GLU C 40 -18.41 34.71 15.71
C GLU C 40 -18.81 34.09 17.05
N THR C 41 -20.12 34.01 17.31
CA THR C 41 -20.60 33.41 18.55
C THR C 41 -20.51 31.88 18.53
N ILE C 42 -20.66 31.28 17.35
CA ILE C 42 -20.47 29.84 17.21
C ILE C 42 -19.01 29.45 17.47
N ILE C 43 -18.09 30.23 16.93
CA ILE C 43 -16.65 29.97 17.06
C ILE C 43 -16.13 29.99 18.49
N SER C 44 -16.58 30.96 19.27
CA SER C 44 -16.10 31.12 20.65
C SER C 44 -16.86 30.25 21.66
N GLU C 45 -17.93 29.62 21.21
CA GLU C 45 -18.74 28.81 22.12
C GLU C 45 -18.51 27.32 21.89
N THR C 46 -17.71 26.98 20.89
CA THR C 46 -17.45 25.59 20.55
C THR C 46 -15.95 25.34 20.47
N THR C 47 -15.53 24.08 20.45
CA THR C 47 -14.11 23.76 20.31
C THR C 47 -13.84 22.84 19.12
N TYR C 48 -14.83 22.69 18.25
CA TYR C 48 -14.74 21.82 17.08
C TYR C 48 -13.70 22.35 16.07
N SER C 49 -13.04 21.42 15.36
CA SER C 49 -12.04 21.80 14.38
C SER C 49 -12.65 22.53 13.19
N GLY C 50 -13.80 22.07 12.74
CA GLY C 50 -14.44 22.66 11.58
C GLY C 50 -15.93 22.43 11.54
N PHE C 51 -16.57 23.03 10.53
CA PHE C 51 -18.02 22.97 10.39
C PHE C 51 -18.42 22.63 8.96
N PRO C 52 -19.42 21.75 8.81
CA PRO C 52 -20.00 21.57 7.51
C PRO C 52 -20.78 22.82 7.13
N VAL C 53 -20.83 23.15 5.84
CA VAL C 53 -21.74 24.18 5.38
C VAL C 53 -22.74 23.59 4.40
N VAL C 54 -24.00 23.92 4.62
CA VAL C 54 -25.12 23.36 3.86
C VAL C 54 -25.81 24.43 3.01
N VAL C 55 -26.63 24.00 2.06
CA VAL C 55 -27.40 24.93 1.25
C VAL C 55 -28.40 25.71 2.10
N SER C 56 -29.12 25.00 2.98
CA SER C 56 -30.06 25.59 3.91
C SER C 56 -30.33 24.62 5.04
N ARG C 57 -31.03 25.05 6.09
CA ARG C 57 -31.31 24.16 7.23
C ARG C 57 -32.40 23.16 6.91
N GLU C 58 -33.31 23.54 6.01
CA GLU C 58 -34.41 22.68 5.61
C GLU C 58 -33.92 21.49 4.79
N SER C 59 -32.98 21.74 3.88
CA SER C 59 -32.49 20.71 2.97
C SER C 59 -31.41 19.83 3.57
N GLN C 60 -30.55 20.41 4.41
CA GLN C 60 -29.37 19.71 4.95
C GLN C 60 -28.43 19.19 3.85
N ARG C 61 -28.48 19.81 2.67
CA ARG C 61 -27.65 19.42 1.54
C ARG C 61 -26.23 19.99 1.62
N LEU C 62 -25.23 19.13 1.43
CA LEU C 62 -23.85 19.47 1.70
C LEU C 62 -23.20 20.31 0.58
N VAL C 63 -22.51 21.37 0.97
CA VAL C 63 -21.79 22.21 0.02
C VAL C 63 -20.27 22.08 0.23
N GLY C 64 -19.86 21.86 1.47
CA GLY C 64 -18.45 21.74 1.80
C GLY C 64 -18.18 21.82 3.30
N PHE C 65 -16.90 21.86 3.67
CA PHE C 65 -16.48 21.85 5.06
C PHE C 65 -15.44 22.97 5.29
N VAL C 66 -15.62 23.75 6.35
CA VAL C 66 -14.73 24.90 6.59
C VAL C 66 -14.12 24.83 7.98
N LEU C 67 -12.82 25.10 8.08
CA LEU C 67 -12.13 25.02 9.37
C LEU C 67 -12.37 26.24 10.26
N ARG C 68 -12.35 26.01 11.57
CA ARG C 68 -12.56 27.06 12.57
C ARG C 68 -11.41 28.07 12.59
N ARG C 69 -10.17 27.60 12.58
CA ARG C 69 -9.02 28.49 12.56
C ARG C 69 -8.99 29.47 11.37
N ASP C 70 -9.52 29.03 10.21
CA ASP C 70 -9.57 29.89 9.02
C ASP C 70 -10.65 30.95 9.13
N LEU C 71 -11.81 30.55 9.64
CA LEU C 71 -12.90 31.48 9.91
C LEU C 71 -12.43 32.61 10.83
N ILE C 72 -11.82 32.24 11.95
CA ILE C 72 -11.24 33.22 12.86
C ILE C 72 -10.42 34.27 12.11
N ILE C 73 -9.40 33.83 11.37
CA ILE C 73 -8.50 34.72 10.63
C ILE C 73 -9.21 35.57 9.56
N SER C 74 -9.99 34.91 8.71
CA SER C 74 -10.64 35.60 7.60
C SER C 74 -11.55 36.72 8.07
N ILE C 75 -12.30 36.47 9.13
CA ILE C 75 -13.27 37.44 9.66
C ILE C 75 -12.57 38.56 10.43
N GLU C 76 -11.46 38.22 11.05
CA GLU C 76 -10.69 39.20 11.81
C GLU C 76 -10.03 40.18 10.87
N ASN C 77 -9.55 39.67 9.72
CA ASN C 77 -8.92 40.51 8.70
C ASN C 77 -9.89 41.44 7.96
N ALA C 78 -11.14 41.05 7.89
CA ALA C 78 -12.14 41.81 7.13
C ALA C 78 -12.80 42.94 7.93
N ARG C 79 -12.88 42.81 9.24
CA ARG C 79 -13.50 43.84 10.09
C ARG C 79 -12.59 45.05 10.21
N LYS C 80 -11.33 44.80 9.84
CA LYS C 80 -10.27 45.79 9.80
C LYS C 80 -10.17 46.64 8.54
N LYS C 81 -10.84 46.19 7.49
CA LYS C 81 -10.66 46.77 6.17
C LYS C 81 -11.19 48.20 6.11
N GLN C 82 -12.35 48.41 6.72
CA GLN C 82 -13.32 49.36 6.20
C GLN C 82 -13.32 49.38 4.67
N ASP C 83 -13.57 48.22 4.07
CA ASP C 83 -14.90 47.86 3.60
C ASP C 83 -15.81 47.46 4.76
N GLY C 84 -17.06 47.89 4.69
CA GLY C 84 -17.79 48.27 5.89
C GLY C 84 -18.40 47.12 6.62
N VAL C 85 -17.60 46.11 6.83
CA VAL C 85 -18.12 44.82 7.26
C VAL C 85 -18.52 44.87 8.72
N VAL C 86 -19.77 44.53 9.02
CA VAL C 86 -20.28 44.64 10.38
C VAL C 86 -20.81 43.33 10.95
N SER C 87 -21.21 43.40 12.22
CA SER C 87 -21.88 42.29 12.88
C SER C 87 -23.04 41.80 12.02
N THR C 88 -23.78 42.74 11.46
CA THR C 88 -24.99 42.40 10.71
C THR C 88 -24.72 42.10 9.24
N SER C 89 -23.46 42.06 8.83
CA SER C 89 -23.10 41.66 7.47
C SER C 89 -23.30 40.16 7.23
N ILE C 90 -23.87 39.80 6.08
CA ILE C 90 -24.11 38.39 5.74
C ILE C 90 -22.87 37.73 5.15
N ILE C 91 -22.48 36.58 5.71
CA ILE C 91 -21.39 35.77 5.17
C ILE C 91 -21.91 34.79 4.13
N TYR C 92 -21.17 34.61 3.03
CA TYR C 92 -21.61 33.73 1.97
C TYR C 92 -20.49 32.90 1.34
N PHE C 93 -20.83 31.68 0.94
CA PHE C 93 -19.84 30.75 0.40
C PHE C 93 -20.08 30.46 -1.08
N THR C 94 -21.07 31.13 -1.66
CA THR C 94 -21.40 30.95 -3.07
C THR C 94 -20.47 31.78 -3.97
N GLU C 95 -20.58 31.61 -5.28
CA GLU C 95 -19.76 32.39 -6.21
C GLU C 95 -20.12 33.88 -6.22
N HIS C 96 -21.42 34.16 -6.15
CA HIS C 96 -21.90 35.53 -6.18
C HIS C 96 -22.70 35.89 -4.93
N SER C 97 -22.70 37.18 -4.58
CA SER C 97 -23.41 37.64 -3.39
C SER C 97 -24.92 37.45 -3.56
N PRO C 98 -25.62 37.12 -2.47
CA PRO C 98 -27.06 36.88 -2.54
C PRO C 98 -27.91 38.13 -2.70
N PRO C 99 -29.06 38.02 -3.38
CA PRO C 99 -30.02 39.11 -3.40
C PRO C 99 -30.44 39.49 -1.98
N LEU C 100 -30.30 40.76 -1.63
CA LEU C 100 -30.66 41.25 -0.29
C LEU C 100 -31.51 42.53 -0.36
N PRO C 101 -32.28 42.82 0.71
CA PRO C 101 -33.05 44.08 0.79
C PRO C 101 -32.12 45.30 0.67
N PRO C 102 -32.69 46.44 0.23
CA PRO C 102 -31.93 47.67 -0.04
C PRO C 102 -31.22 48.28 1.17
N TYR C 103 -30.10 48.96 0.91
CA TYR C 103 -29.37 49.70 1.94
C TYR C 103 -28.98 48.86 3.15
N THR C 104 -28.66 47.59 2.90
CA THR C 104 -28.09 46.75 3.95
C THR C 104 -26.56 46.78 3.87
N PRO C 105 -25.87 46.37 4.95
CA PRO C 105 -24.41 46.39 4.98
C PRO C 105 -23.75 45.48 3.95
N PRO C 106 -22.54 45.85 3.47
CA PRO C 106 -21.82 45.02 2.49
C PRO C 106 -21.61 43.58 2.99
N THR C 107 -21.63 42.63 2.06
CA THR C 107 -21.51 41.22 2.40
C THR C 107 -20.05 40.80 2.45
N LEU C 108 -19.79 39.62 3.02
CA LEU C 108 -18.45 39.07 3.13
C LEU C 108 -18.40 37.72 2.42
N LYS C 109 -17.46 37.55 1.50
CA LYS C 109 -17.32 36.31 0.75
C LYS C 109 -16.20 35.43 1.33
N LEU C 110 -16.56 34.24 1.82
CA LEU C 110 -15.56 33.34 2.42
C LEU C 110 -15.37 32.05 1.65
N ARG C 111 -15.58 32.08 0.34
CA ARG C 111 -15.51 30.87 -0.47
C ARG C 111 -14.09 30.34 -0.60
N ASN C 112 -13.09 31.22 -0.60
CA ASN C 112 -11.71 30.79 -0.84
C ASN C 112 -11.09 30.00 0.32
N ILE C 113 -11.84 29.83 1.40
CA ILE C 113 -11.40 29.02 2.54
C ILE C 113 -12.32 27.80 2.78
N LEU C 114 -13.12 27.47 1.78
CA LEU C 114 -14.07 26.36 1.87
C LEU C 114 -13.57 25.18 1.06
N ASP C 115 -13.59 23.99 1.67
CA ASP C 115 -13.23 22.73 0.99
C ASP C 115 -14.45 22.20 0.24
N LEU C 116 -14.44 22.35 -1.08
CA LEU C 116 -15.59 21.97 -1.88
C LEU C 116 -15.57 20.50 -2.30
N SER C 117 -14.78 19.69 -1.61
CA SER C 117 -14.72 18.25 -1.84
C SER C 117 -14.51 17.47 -0.55
N PRO C 118 -15.46 17.56 0.39
CA PRO C 118 -15.28 16.69 1.54
C PRO C 118 -15.70 15.26 1.22
N PHE C 119 -15.16 14.29 1.95
CA PHE C 119 -15.52 12.90 1.72
C PHE C 119 -16.74 12.54 2.54
N THR C 120 -17.67 11.85 1.91
CA THR C 120 -18.93 11.51 2.55
C THR C 120 -19.27 10.03 2.37
N VAL C 121 -19.92 9.46 3.37
CA VAL C 121 -20.25 8.05 3.38
C VAL C 121 -21.63 7.93 4.05
N THR C 122 -22.46 7.01 3.58
CA THR C 122 -23.85 6.92 4.07
C THR C 122 -23.94 6.29 5.45
N ASP C 123 -25.04 6.54 6.17
CA ASP C 123 -25.18 6.05 7.53
C ASP C 123 -25.29 4.53 7.68
N LEU C 124 -25.51 3.82 6.57
CA LEU C 124 -25.61 2.38 6.61
C LEU C 124 -24.29 1.69 6.30
N THR C 125 -23.25 2.48 6.05
CA THR C 125 -21.95 1.93 5.70
C THR C 125 -21.29 1.30 6.94
N PRO C 126 -20.92 0.02 6.85
CA PRO C 126 -20.23 -0.72 7.91
C PRO C 126 -18.95 -0.02 8.37
N MET C 127 -18.64 -0.09 9.67
CA MET C 127 -17.46 0.57 10.19
C MET C 127 -16.16 -0.07 9.71
N GLU C 128 -16.19 -1.37 9.42
CA GLU C 128 -15.02 -2.05 8.88
C GLU C 128 -14.57 -1.38 7.59
N ILE C 129 -15.54 -0.87 6.83
CA ILE C 129 -15.24 -0.18 5.56
C ILE C 129 -14.82 1.27 5.79
N VAL C 130 -15.46 1.95 6.74
CA VAL C 130 -15.07 3.31 7.06
C VAL C 130 -13.63 3.37 7.57
N VAL C 131 -13.28 2.45 8.46
CA VAL C 131 -11.92 2.41 8.99
C VAL C 131 -10.92 2.26 7.85
N ASP C 132 -11.32 1.49 6.84
CA ASP C 132 -10.48 1.22 5.68
C ASP C 132 -10.26 2.50 4.87
N ILE C 133 -11.33 3.24 4.62
CA ILE C 133 -11.25 4.48 3.85
C ILE C 133 -10.36 5.50 4.55
N PHE C 134 -10.53 5.63 5.86
CA PHE C 134 -9.75 6.58 6.66
C PHE C 134 -8.27 6.26 6.55
N ARG C 135 -7.96 4.97 6.58
CA ARG C 135 -6.59 4.50 6.46
C ARG C 135 -5.99 4.86 5.11
N LYS C 136 -6.64 4.39 4.05
CA LYS C 136 -6.09 4.48 2.72
C LYS C 136 -6.04 5.90 2.17
N LEU C 137 -7.08 6.70 2.45
CA LEU C 137 -7.12 8.07 1.94
C LEU C 137 -6.53 9.08 2.91
N GLY C 138 -6.25 8.63 4.15
CA GLY C 138 -5.67 9.47 5.18
C GLY C 138 -6.54 10.65 5.59
N LEU C 139 -7.85 10.42 5.67
CA LEU C 139 -8.81 11.49 5.96
C LEU C 139 -8.63 12.04 7.36
N ARG C 140 -8.94 13.32 7.50
CA ARG C 140 -8.99 13.98 8.80
C ARG C 140 -10.36 13.76 9.44
N GLN C 141 -11.41 13.96 8.65
CA GLN C 141 -12.76 13.69 9.09
C GLN C 141 -13.59 13.10 7.95
N CYS C 142 -14.83 12.76 8.26
CA CYS C 142 -15.71 12.21 7.28
C CYS C 142 -17.14 12.54 7.65
N LEU C 143 -17.91 13.01 6.68
CA LEU C 143 -19.30 13.35 6.92
C LEU C 143 -20.26 12.22 6.56
N VAL C 144 -21.35 12.10 7.30
CA VAL C 144 -22.29 11.02 7.12
C VAL C 144 -23.67 11.53 6.71
N THR C 145 -24.25 10.92 5.68
CA THR C 145 -25.54 11.37 5.14
C THR C 145 -26.59 10.25 5.12
N HIS C 146 -27.87 10.64 5.12
CA HIS C 146 -28.97 9.72 4.84
C HIS C 146 -29.79 10.17 3.65
N ASN C 147 -29.59 9.51 2.51
CA ASN C 147 -30.30 9.82 1.30
C ASN C 147 -30.05 11.26 0.86
N GLY C 148 -28.78 11.65 0.86
CA GLY C 148 -28.33 12.93 0.33
C GLY C 148 -28.44 14.06 1.33
N ARG C 149 -28.77 13.74 2.57
CA ARG C 149 -28.97 14.76 3.61
C ARG C 149 -28.01 14.63 4.80
N LEU C 150 -27.18 15.65 5.00
CA LEU C 150 -26.20 15.64 6.07
C LEU C 150 -26.81 15.30 7.43
N LEU C 151 -26.19 14.36 8.12
CA LEU C 151 -26.74 13.83 9.36
C LEU C 151 -25.72 13.86 10.50
N GLY C 152 -24.47 13.51 10.20
CA GLY C 152 -23.46 13.41 11.25
C GLY C 152 -22.02 13.57 10.79
N ILE C 153 -21.10 13.23 11.69
CA ILE C 153 -19.68 13.39 11.43
C ILE C 153 -18.85 12.35 12.18
N ILE C 154 -17.71 12.00 11.61
CA ILE C 154 -16.79 11.06 12.23
C ILE C 154 -15.39 11.59 12.03
N THR C 155 -14.68 11.84 13.12
CA THR C 155 -13.31 12.35 13.02
C THR C 155 -12.32 11.20 13.16
N LYS C 156 -11.04 11.50 13.00
CA LYS C 156 -10.03 10.46 13.11
C LYS C 156 -9.99 9.93 14.55
N LYS C 157 -9.93 10.84 15.52
CA LYS C 157 -9.94 10.43 16.91
C LYS C 157 -11.18 9.58 17.23
N ASP C 158 -12.30 9.91 16.60
CA ASP C 158 -13.51 9.10 16.71
C ASP C 158 -13.25 7.65 16.30
N VAL C 159 -12.46 7.46 15.26
CA VAL C 159 -12.16 6.12 14.75
C VAL C 159 -11.19 5.37 15.67
N LEU C 160 -10.25 6.09 16.26
CA LEU C 160 -9.27 5.48 17.15
C LEU C 160 -9.90 5.00 18.47
N LYS C 161 -10.96 5.67 18.92
CA LYS C 161 -11.64 5.27 20.15
C LYS C 161 -12.50 4.04 19.89
N HIS C 162 -12.99 3.92 18.66
CA HIS C 162 -13.76 2.75 18.26
C HIS C 162 -12.89 1.50 18.29
N ILE C 163 -11.66 1.63 17.80
CA ILE C 163 -10.75 0.50 17.76
C ILE C 163 -10.30 0.07 19.16
N ALA C 164 -10.07 1.05 20.03
CA ALA C 164 -9.60 0.79 21.39
C ALA C 164 -10.66 0.09 22.23
N GLN C 165 -11.90 0.53 22.07
CA GLN C 165 -13.03 -0.10 22.73
C GLN C 165 -13.17 -1.51 22.19
N MET C 166 -12.97 -1.67 20.89
CA MET C 166 -13.10 -2.95 20.23
C MET C 166 -12.11 -3.95 20.81
N ALA C 167 -11.00 -3.45 21.34
CA ALA C 167 -9.92 -4.28 21.88
C ALA C 167 -10.21 -4.87 23.26
N ASN C 168 -11.34 -4.48 23.86
CA ASN C 168 -11.67 -4.89 25.23
C ASN C 168 -12.77 -5.95 25.35
N GLN C 169 -13.04 -6.69 24.29
CA GLN C 169 -14.08 -7.74 24.35
C GLN C 169 -13.48 -9.15 24.37
N LEU C 175 -17.21 -9.34 17.18
CA LEU C 175 -16.91 -7.99 17.65
C LEU C 175 -15.42 -7.78 17.95
N PHE C 176 -14.78 -8.79 18.55
CA PHE C 176 -13.35 -8.71 18.86
C PHE C 176 -12.52 -9.05 17.61
N ASN C 177 -13.14 -9.75 16.67
CA ASN C 177 -12.50 -10.09 15.40
C ASN C 177 -12.51 -8.90 14.46
N GLU C 178 -13.25 -7.87 14.82
CA GLU C 178 -13.19 -6.59 14.11
C GLU C 178 -11.91 -5.85 14.44
N PHE C 179 -11.43 -6.01 15.68
CA PHE C 179 -10.16 -5.43 16.09
C PHE C 179 -9.00 -6.14 15.41
N LEU C 180 -9.11 -7.46 15.31
CA LEU C 180 -8.10 -8.27 14.66
C LEU C 180 -8.05 -7.94 13.17
N GLU C 181 -9.20 -7.65 12.60
CA GLU C 181 -9.31 -7.23 11.20
C GLU C 181 -8.57 -5.93 10.96
N VAL C 182 -8.38 -5.15 12.03
CA VAL C 182 -7.69 -3.87 11.96
C VAL C 182 -6.18 -4.06 12.03
N LEU C 183 -5.72 -4.85 13.00
CA LEU C 183 -4.32 -5.23 13.12
C LEU C 183 -3.87 -5.98 11.87
N PHE C 184 -4.84 -6.33 11.04
CA PHE C 184 -4.62 -7.13 9.84
C PHE C 184 -4.75 -6.26 8.59
N GLN C 185 -5.91 -5.63 8.43
CA GLN C 185 -6.23 -4.86 7.23
C GLN C 185 -6.01 -5.66 5.94
N HIS D 9 -6.23 25.47 -17.44
CA HIS D 9 -7.42 24.95 -16.70
C HIS D 9 -7.16 23.57 -16.07
N LYS D 10 -7.53 23.41 -14.80
CA LYS D 10 -7.34 22.13 -14.11
C LYS D 10 -8.59 21.25 -14.25
N THR D 11 -8.39 19.97 -14.61
CA THR D 11 -9.52 19.08 -14.89
C THR D 11 -10.28 18.70 -13.62
N LEU D 12 -11.60 18.85 -13.67
CA LEU D 12 -12.45 18.48 -12.55
C LEU D 12 -13.29 17.24 -12.87
N ALA D 13 -14.02 16.74 -11.88
CA ALA D 13 -14.89 15.58 -12.09
C ALA D 13 -15.97 15.87 -13.13
N MET D 14 -16.58 17.05 -13.05
CA MET D 14 -17.64 17.44 -13.97
C MET D 14 -17.18 17.44 -15.42
N ASP D 15 -15.85 17.40 -15.61
CA ASP D 15 -15.25 17.45 -16.94
C ASP D 15 -15.10 16.07 -17.55
N VAL D 16 -15.19 15.03 -16.72
CA VAL D 16 -15.01 13.66 -17.16
C VAL D 16 -16.30 12.85 -17.01
N MET D 17 -17.19 13.34 -16.15
CA MET D 17 -18.44 12.65 -15.86
C MET D 17 -19.33 12.53 -17.09
N LYS D 18 -20.18 11.51 -17.10
CA LYS D 18 -21.25 11.41 -18.09
C LYS D 18 -22.52 11.71 -17.35
N PRO D 19 -23.51 12.33 -18.01
CA PRO D 19 -23.50 12.70 -19.42
C PRO D 19 -22.77 14.01 -19.69
N ARG D 20 -22.33 14.21 -20.93
CA ARG D 20 -21.75 15.49 -21.35
C ARG D 20 -22.91 16.44 -21.64
N ARG D 21 -22.61 17.64 -22.13
CA ARG D 21 -23.65 18.61 -22.45
C ARG D 21 -24.50 18.14 -23.65
N ASN D 22 -23.86 17.42 -24.57
CA ASN D 22 -24.53 16.92 -25.78
C ASN D 22 -25.34 15.63 -25.59
N ASP D 23 -25.24 15.03 -24.42
CA ASP D 23 -25.92 13.77 -24.14
C ASP D 23 -27.24 13.98 -23.41
N PRO D 24 -28.09 12.92 -23.39
CA PRO D 24 -29.31 12.91 -22.58
C PRO D 24 -29.01 12.64 -21.11
N LEU D 25 -30.00 12.85 -20.24
CA LEU D 25 -29.82 12.67 -18.80
C LEU D 25 -29.35 11.26 -18.43
N LEU D 26 -28.84 11.13 -17.21
CA LEU D 26 -28.49 9.84 -16.62
C LEU D 26 -29.68 8.91 -16.65
N THR D 27 -29.47 7.66 -17.03
CA THR D 27 -30.53 6.69 -16.92
C THR D 27 -30.59 6.23 -15.46
N VAL D 28 -31.73 6.45 -14.82
CA VAL D 28 -31.86 6.27 -13.39
C VAL D 28 -33.17 5.56 -13.04
N LEU D 29 -33.17 4.81 -11.93
CA LEU D 29 -34.40 4.22 -11.41
C LEU D 29 -34.81 4.97 -10.15
N THR D 30 -36.10 4.95 -9.83
CA THR D 30 -36.61 5.56 -8.61
C THR D 30 -36.86 4.49 -7.57
N GLN D 31 -37.12 4.89 -6.33
CA GLN D 31 -37.16 3.95 -5.23
C GLN D 31 -38.57 3.43 -4.90
N ASP D 32 -39.58 4.06 -5.49
CA ASP D 32 -40.97 3.80 -5.10
C ASP D 32 -41.92 3.65 -6.27
N SER D 33 -41.60 4.25 -7.41
CA SER D 33 -42.60 4.50 -8.45
C SER D 33 -42.42 3.76 -9.78
N MET D 34 -41.28 3.09 -9.95
CA MET D 34 -41.04 2.33 -11.17
C MET D 34 -41.81 1.00 -11.16
N THR D 35 -42.56 0.73 -12.22
CA THR D 35 -43.18 -0.59 -12.39
C THR D 35 -42.17 -1.56 -13.00
N VAL D 36 -42.55 -2.83 -13.08
CA VAL D 36 -41.70 -3.86 -13.70
C VAL D 36 -41.46 -3.57 -15.18
N GLU D 37 -42.53 -3.21 -15.88
CA GLU D 37 -42.47 -2.85 -17.29
C GLU D 37 -41.55 -1.66 -17.57
N ASP D 38 -41.57 -0.66 -16.68
CA ASP D 38 -40.72 0.52 -16.80
C ASP D 38 -39.25 0.12 -16.79
N VAL D 39 -38.90 -0.75 -15.85
CA VAL D 39 -37.53 -1.19 -15.65
C VAL D 39 -37.07 -2.12 -16.77
N GLU D 40 -38.03 -2.78 -17.42
CA GLU D 40 -37.72 -3.71 -18.49
C GLU D 40 -37.45 -3.00 -19.82
N THR D 41 -38.25 -1.97 -20.12
CA THR D 41 -38.00 -1.19 -21.34
C THR D 41 -36.66 -0.48 -21.22
N ILE D 42 -36.28 -0.09 -19.99
CA ILE D 42 -34.99 0.53 -19.73
C ILE D 42 -33.84 -0.44 -19.99
N ILE D 43 -33.96 -1.67 -19.49
CA ILE D 43 -32.93 -2.68 -19.69
C ILE D 43 -32.77 -2.99 -21.16
N SER D 44 -33.90 -2.96 -21.88
CA SER D 44 -33.91 -3.23 -23.30
C SER D 44 -33.21 -2.12 -24.13
N GLU D 45 -33.50 -0.87 -23.81
CA GLU D 45 -33.00 0.28 -24.59
C GLU D 45 -31.59 0.76 -24.25
N THR D 46 -30.95 0.15 -23.25
CA THR D 46 -29.67 0.62 -22.78
C THR D 46 -28.66 -0.53 -22.67
N THR D 47 -27.40 -0.21 -22.44
CA THR D 47 -26.39 -1.26 -22.32
C THR D 47 -25.45 -1.03 -21.14
N TYR D 48 -25.90 -0.22 -20.18
CA TYR D 48 -25.10 0.10 -19.00
C TYR D 48 -25.00 -1.07 -18.02
N SER D 49 -23.89 -1.15 -17.29
CA SER D 49 -23.72 -2.20 -16.28
C SER D 49 -24.66 -2.03 -15.09
N GLY D 50 -25.07 -0.79 -14.81
CA GLY D 50 -25.91 -0.51 -13.63
C GLY D 50 -26.58 0.85 -13.60
N PHE D 51 -27.44 1.05 -12.62
CA PHE D 51 -28.24 2.27 -12.51
C PHE D 51 -28.26 2.79 -11.08
N PRO D 52 -28.11 4.10 -10.91
CA PRO D 52 -28.33 4.68 -9.61
C PRO D 52 -29.81 4.70 -9.31
N VAL D 53 -30.18 4.46 -8.06
CA VAL D 53 -31.56 4.64 -7.67
C VAL D 53 -31.65 5.89 -6.80
N VAL D 54 -32.62 6.75 -7.09
CA VAL D 54 -32.82 8.00 -6.36
C VAL D 54 -34.19 8.08 -5.72
N VAL D 55 -34.36 9.00 -4.79
CA VAL D 55 -35.64 9.18 -4.12
C VAL D 55 -36.74 9.56 -5.11
N SER D 56 -36.45 10.50 -6.00
CA SER D 56 -37.36 10.85 -7.09
C SER D 56 -36.61 11.55 -8.21
N ARG D 57 -37.25 11.73 -9.37
CA ARG D 57 -36.62 12.39 -10.52
C ARG D 57 -36.39 13.88 -10.30
N GLU D 58 -37.22 14.50 -9.46
CA GLU D 58 -37.10 15.92 -9.14
C GLU D 58 -35.97 16.22 -8.15
N SER D 59 -35.94 15.45 -7.06
CA SER D 59 -34.97 15.67 -5.99
C SER D 59 -33.59 15.15 -6.37
N GLN D 60 -33.56 14.00 -7.05
CA GLN D 60 -32.31 13.34 -7.45
C GLN D 60 -31.39 13.03 -6.28
N ARG D 61 -31.98 12.76 -5.12
CA ARG D 61 -31.20 12.36 -3.94
C ARG D 61 -30.90 10.86 -3.95
N LEU D 62 -29.64 10.54 -3.69
CA LEU D 62 -29.12 9.19 -3.94
C LEU D 62 -29.53 8.20 -2.85
N VAL D 63 -29.98 7.03 -3.29
CA VAL D 63 -30.35 5.96 -2.36
C VAL D 63 -29.41 4.77 -2.50
N GLY D 64 -28.85 4.59 -3.70
CA GLY D 64 -27.94 3.47 -3.96
C GLY D 64 -27.69 3.23 -5.43
N PHE D 65 -27.08 2.09 -5.72
CA PHE D 65 -26.73 1.75 -7.09
C PHE D 65 -26.96 0.26 -7.35
N VAL D 66 -27.76 -0.05 -8.37
CA VAL D 66 -28.09 -1.45 -8.66
C VAL D 66 -27.55 -1.89 -10.02
N LEU D 67 -27.17 -3.16 -10.10
CA LEU D 67 -26.58 -3.73 -11.32
C LEU D 67 -27.60 -4.34 -12.28
N ARG D 68 -27.25 -4.35 -13.55
CA ARG D 68 -28.08 -4.92 -14.61
C ARG D 68 -28.27 -6.44 -14.43
N ARG D 69 -27.17 -7.13 -14.12
CA ARG D 69 -27.17 -8.57 -13.80
C ARG D 69 -28.29 -8.94 -12.83
N ASP D 70 -28.26 -8.33 -11.65
CA ASP D 70 -29.18 -8.66 -10.57
C ASP D 70 -30.62 -8.29 -10.90
N LEU D 71 -30.81 -7.17 -11.59
CA LEU D 71 -32.14 -6.76 -12.02
C LEU D 71 -32.78 -7.81 -12.89
N ILE D 72 -32.08 -8.21 -13.94
CA ILE D 72 -32.58 -9.23 -14.87
C ILE D 72 -32.93 -10.55 -14.16
N ILE D 73 -32.03 -11.03 -13.31
CA ILE D 73 -32.26 -12.27 -12.56
C ILE D 73 -33.45 -12.20 -11.61
N SER D 74 -33.50 -11.16 -10.78
CA SER D 74 -34.53 -11.04 -9.74
C SER D 74 -35.93 -10.88 -10.31
N ILE D 75 -36.05 -10.22 -11.45
CA ILE D 75 -37.34 -9.98 -12.07
C ILE D 75 -37.86 -11.23 -12.79
N GLU D 76 -36.93 -12.04 -13.30
CA GLU D 76 -37.28 -13.28 -14.00
C GLU D 76 -37.81 -14.33 -13.03
N ASN D 77 -37.21 -14.40 -11.85
CA ASN D 77 -37.71 -15.29 -10.80
C ASN D 77 -39.07 -14.84 -10.26
N ALA D 78 -39.33 -13.54 -10.34
CA ALA D 78 -40.53 -12.96 -9.76
C ALA D 78 -41.80 -13.18 -10.58
N ARG D 79 -41.69 -13.16 -11.90
CA ARG D 79 -42.88 -13.35 -12.75
C ARG D 79 -43.10 -14.81 -13.19
N LYS D 80 -42.29 -15.71 -12.62
CA LYS D 80 -42.44 -17.15 -12.81
C LYS D 80 -43.31 -17.78 -11.71
N LYS D 81 -43.35 -17.15 -10.54
CA LYS D 81 -44.07 -17.71 -9.40
C LYS D 81 -45.58 -17.47 -9.54
N GLN D 82 -46.37 -18.44 -9.07
CA GLN D 82 -47.82 -18.27 -9.00
C GLN D 82 -48.12 -17.16 -7.99
N ASP D 83 -49.11 -16.33 -8.30
CA ASP D 83 -49.45 -15.17 -7.45
C ASP D 83 -48.25 -14.23 -7.33
N GLY D 84 -47.42 -14.20 -8.37
CA GLY D 84 -46.25 -13.34 -8.40
C GLY D 84 -46.50 -12.04 -9.12
N VAL D 85 -45.42 -11.47 -9.66
CA VAL D 85 -45.45 -10.16 -10.28
C VAL D 85 -46.03 -10.18 -11.70
N VAL D 86 -46.53 -9.03 -12.15
CA VAL D 86 -46.93 -8.82 -13.54
C VAL D 86 -46.31 -7.52 -14.09
N SER D 87 -46.70 -7.14 -15.30
CA SER D 87 -46.11 -5.97 -15.95
C SER D 87 -46.30 -4.66 -15.19
N THR D 88 -47.40 -4.53 -14.46
CA THR D 88 -47.70 -3.28 -13.76
C THR D 88 -47.42 -3.34 -12.27
N SER D 89 -46.79 -4.41 -11.81
CA SER D 89 -46.32 -4.49 -10.43
C SER D 89 -45.27 -3.42 -10.16
N ILE D 90 -45.40 -2.74 -9.02
CA ILE D 90 -44.42 -1.74 -8.67
C ILE D 90 -43.20 -2.33 -7.97
N ILE D 91 -42.02 -1.86 -8.39
CA ILE D 91 -40.76 -2.24 -7.79
C ILE D 91 -40.38 -1.18 -6.77
N TYR D 92 -39.83 -1.61 -5.64
CA TYR D 92 -39.45 -0.65 -4.61
C TYR D 92 -38.18 -1.05 -3.88
N PHE D 93 -37.39 -0.04 -3.52
CA PHE D 93 -36.09 -0.28 -2.90
C PHE D 93 -36.04 0.16 -1.43
N THR D 94 -37.16 0.65 -0.91
CA THR D 94 -37.25 1.09 0.48
C THR D 94 -37.49 -0.08 1.40
N GLU D 95 -37.52 0.18 2.71
CA GLU D 95 -37.73 -0.88 3.69
C GLU D 95 -39.17 -1.41 3.69
N HIS D 96 -40.13 -0.53 3.49
CA HIS D 96 -41.52 -0.93 3.46
C HIS D 96 -42.16 -0.55 2.14
N SER D 97 -43.27 -1.19 1.81
CA SER D 97 -43.99 -0.88 0.58
C SER D 97 -44.60 0.50 0.63
N PRO D 98 -44.63 1.20 -0.51
CA PRO D 98 -45.34 2.48 -0.57
C PRO D 98 -46.85 2.26 -0.45
N PRO D 99 -47.61 3.33 -0.16
CA PRO D 99 -49.06 3.17 -0.17
C PRO D 99 -49.61 3.03 -1.60
N LEU D 100 -50.35 1.95 -1.85
CA LEU D 100 -50.96 1.73 -3.15
C LEU D 100 -52.47 1.59 -3.05
N PRO D 101 -53.19 1.98 -4.13
CA PRO D 101 -54.62 1.75 -4.20
C PRO D 101 -54.95 0.26 -4.10
N PRO D 102 -56.13 -0.09 -3.57
CA PRO D 102 -56.48 -1.50 -3.51
C PRO D 102 -56.57 -2.15 -4.88
N TYR D 103 -56.69 -3.48 -4.89
CA TYR D 103 -56.86 -4.27 -6.11
C TYR D 103 -55.73 -4.07 -7.13
N THR D 104 -54.54 -3.75 -6.63
CA THR D 104 -53.34 -3.68 -7.46
C THR D 104 -52.51 -4.92 -7.23
N PRO D 105 -51.68 -5.28 -8.22
CA PRO D 105 -50.83 -6.48 -8.24
C PRO D 105 -49.77 -6.48 -7.15
N PRO D 106 -49.21 -7.66 -6.84
CA PRO D 106 -48.15 -7.79 -5.84
C PRO D 106 -46.94 -6.94 -6.19
N THR D 107 -46.29 -6.37 -5.18
CA THR D 107 -45.09 -5.55 -5.42
C THR D 107 -43.82 -6.39 -5.31
N LEU D 108 -42.73 -5.92 -5.91
CA LEU D 108 -41.47 -6.63 -5.89
C LEU D 108 -40.43 -5.81 -5.13
N LYS D 109 -40.03 -6.29 -3.96
CA LYS D 109 -39.03 -5.61 -3.13
C LYS D 109 -37.62 -6.00 -3.55
N LEU D 110 -36.85 -5.04 -4.07
CA LEU D 110 -35.52 -5.35 -4.58
C LEU D 110 -34.39 -4.75 -3.73
N ARG D 111 -34.73 -4.40 -2.49
CA ARG D 111 -33.78 -3.82 -1.54
C ARG D 111 -32.56 -4.72 -1.34
N ASN D 112 -32.75 -6.03 -1.48
CA ASN D 112 -31.69 -7.00 -1.18
C ASN D 112 -30.60 -7.15 -2.24
N ILE D 113 -30.75 -6.48 -3.39
CA ILE D 113 -29.70 -6.45 -4.42
C ILE D 113 -29.14 -5.04 -4.63
N LEU D 114 -29.53 -4.12 -3.76
CA LEU D 114 -29.12 -2.72 -3.85
C LEU D 114 -27.89 -2.45 -3.01
N ASP D 115 -26.88 -1.84 -3.64
CA ASP D 115 -25.72 -1.34 -2.92
C ASP D 115 -26.09 -0.03 -2.21
N LEU D 116 -26.20 -0.07 -0.90
CA LEU D 116 -26.60 1.11 -0.12
C LEU D 116 -25.44 2.06 0.17
N SER D 117 -24.23 1.66 -0.18
CA SER D 117 -23.06 2.46 0.12
C SER D 117 -22.09 2.63 -1.05
N PRO D 118 -22.58 3.23 -2.15
CA PRO D 118 -21.75 3.52 -3.31
C PRO D 118 -20.90 4.75 -3.04
N PHE D 119 -19.63 4.71 -3.43
CA PHE D 119 -18.76 5.85 -3.19
C PHE D 119 -19.19 7.05 -4.03
N THR D 120 -19.09 8.24 -3.45
CA THR D 120 -19.53 9.46 -4.11
C THR D 120 -18.50 10.58 -4.01
N VAL D 121 -18.47 11.43 -5.04
CA VAL D 121 -17.54 12.55 -5.14
C VAL D 121 -18.28 13.82 -5.60
N THR D 122 -17.79 15.01 -5.26
CA THR D 122 -18.47 16.23 -5.73
C THR D 122 -17.95 16.66 -7.11
N ASP D 123 -18.74 17.48 -7.79
CA ASP D 123 -18.43 17.91 -9.16
C ASP D 123 -17.16 18.75 -9.26
N LEU D 124 -16.81 19.42 -8.17
CA LEU D 124 -15.66 20.29 -8.14
C LEU D 124 -14.38 19.57 -7.70
N THR D 125 -14.45 18.25 -7.57
CA THR D 125 -13.28 17.48 -7.15
C THR D 125 -12.30 17.29 -8.31
N PRO D 126 -11.05 17.72 -8.12
CA PRO D 126 -9.99 17.51 -9.12
C PRO D 126 -9.82 16.04 -9.54
N MET D 127 -9.63 15.81 -10.84
CA MET D 127 -9.54 14.44 -11.37
C MET D 127 -8.38 13.65 -10.80
N GLU D 128 -7.28 14.34 -10.52
CA GLU D 128 -6.11 13.71 -9.90
C GLU D 128 -6.51 13.01 -8.61
N ILE D 129 -7.36 13.64 -7.83
CA ILE D 129 -7.85 13.03 -6.59
C ILE D 129 -8.77 11.86 -6.92
N VAL D 130 -9.63 12.05 -7.91
CA VAL D 130 -10.54 11.00 -8.34
C VAL D 130 -9.78 9.75 -8.76
N VAL D 131 -8.75 9.93 -9.57
CA VAL D 131 -7.94 8.81 -10.02
C VAL D 131 -7.31 8.13 -8.82
N ASP D 132 -6.83 8.93 -7.87
CA ASP D 132 -6.22 8.41 -6.66
C ASP D 132 -7.21 7.55 -5.87
N ILE D 133 -8.43 8.06 -5.70
CA ILE D 133 -9.49 7.36 -4.98
C ILE D 133 -9.85 6.02 -5.63
N PHE D 134 -9.85 6.01 -6.95
CA PHE D 134 -10.13 4.81 -7.72
C PHE D 134 -9.10 3.71 -7.47
N ARG D 135 -7.81 4.08 -7.56
CA ARG D 135 -6.72 3.12 -7.37
C ARG D 135 -6.67 2.54 -5.97
N LYS D 136 -6.74 3.40 -4.97
CA LYS D 136 -6.55 2.99 -3.58
C LYS D 136 -7.73 2.19 -3.01
N LEU D 137 -8.94 2.46 -3.50
CA LEU D 137 -10.13 1.77 -2.99
C LEU D 137 -10.63 0.66 -3.91
N GLY D 138 -10.10 0.62 -5.13
CA GLY D 138 -10.45 -0.42 -6.11
C GLY D 138 -11.90 -0.41 -6.56
N LEU D 139 -12.39 0.75 -6.99
CA LEU D 139 -13.81 0.95 -7.30
C LEU D 139 -14.19 0.50 -8.70
N ARG D 140 -15.42 0.02 -8.86
CA ARG D 140 -15.97 -0.19 -10.20
C ARG D 140 -16.44 1.15 -10.79
N GLN D 141 -17.17 1.94 -10.01
CA GLN D 141 -17.63 3.24 -10.47
C GLN D 141 -17.75 4.27 -9.35
N CYS D 142 -18.07 5.49 -9.74
CA CYS D 142 -18.16 6.60 -8.83
C CYS D 142 -19.27 7.52 -9.27
N LEU D 143 -20.13 7.93 -8.33
CA LEU D 143 -21.20 8.87 -8.64
C LEU D 143 -20.80 10.32 -8.30
N VAL D 144 -21.18 11.24 -9.16
CA VAL D 144 -20.80 12.64 -9.00
C VAL D 144 -22.00 13.51 -8.61
N THR D 145 -21.82 14.36 -7.60
CA THR D 145 -22.93 15.14 -7.07
C THR D 145 -22.64 16.64 -7.08
N HIS D 146 -23.71 17.43 -7.11
CA HIS D 146 -23.61 18.87 -6.91
C HIS D 146 -24.57 19.25 -5.77
N ASN D 147 -23.99 19.72 -4.66
CA ASN D 147 -24.77 20.06 -3.47
C ASN D 147 -25.72 18.97 -3.00
N GLY D 148 -25.24 17.73 -2.97
CA GLY D 148 -26.05 16.62 -2.47
C GLY D 148 -27.06 16.01 -3.44
N ARG D 149 -27.20 16.58 -4.64
CA ARG D 149 -28.04 15.98 -5.67
C ARG D 149 -27.16 15.25 -6.69
N LEU D 150 -27.70 14.20 -7.30
CA LEU D 150 -26.97 13.41 -8.29
C LEU D 150 -26.87 14.12 -9.63
N LEU D 151 -25.67 14.18 -10.18
CA LEU D 151 -25.44 14.90 -11.43
C LEU D 151 -24.88 14.00 -12.53
N GLY D 152 -24.11 13.00 -12.16
CA GLY D 152 -23.45 12.14 -13.15
C GLY D 152 -22.69 10.96 -12.58
N ILE D 153 -21.93 10.29 -13.43
CA ILE D 153 -21.24 9.05 -13.07
C ILE D 153 -19.86 8.92 -13.73
N ILE D 154 -18.97 8.19 -13.07
CA ILE D 154 -17.65 7.89 -13.62
C ILE D 154 -17.33 6.42 -13.42
N THR D 155 -17.22 5.69 -14.53
CA THR D 155 -16.89 4.27 -14.45
C THR D 155 -15.38 4.10 -14.58
N LYS D 156 -14.88 2.94 -14.18
CA LYS D 156 -13.45 2.64 -14.23
C LYS D 156 -12.87 2.88 -15.63
N LYS D 157 -13.63 2.50 -16.65
CA LYS D 157 -13.20 2.67 -18.04
C LYS D 157 -13.08 4.15 -18.42
N ASP D 158 -14.01 4.98 -17.95
CA ASP D 158 -13.92 6.43 -18.16
C ASP D 158 -12.60 6.99 -17.65
N VAL D 159 -12.12 6.44 -16.54
CA VAL D 159 -10.88 6.88 -15.90
C VAL D 159 -9.69 6.42 -16.72
N LEU D 160 -9.80 5.20 -17.27
CA LEU D 160 -8.74 4.60 -18.08
C LEU D 160 -8.57 5.32 -19.42
N LYS D 161 -9.69 5.73 -20.02
CA LYS D 161 -9.65 6.50 -21.26
C LYS D 161 -9.07 7.89 -21.03
N HIS D 162 -9.29 8.41 -19.83
CA HIS D 162 -8.81 9.73 -19.47
C HIS D 162 -7.28 9.73 -19.26
N ILE D 163 -6.77 8.64 -18.72
CA ILE D 163 -5.33 8.44 -18.56
C ILE D 163 -4.66 8.21 -19.91
N ALA D 164 -5.31 7.43 -20.78
CA ALA D 164 -4.79 7.14 -22.10
C ALA D 164 -4.69 8.41 -22.94
N GLN D 165 -5.63 9.33 -22.75
CA GLN D 165 -5.63 10.60 -23.46
C GLN D 165 -4.46 11.48 -23.03
N MET D 166 -4.04 11.34 -21.77
CA MET D 166 -2.90 12.07 -21.24
C MET D 166 -1.59 11.41 -21.70
N ALA D 167 -1.65 10.15 -22.07
CA ALA D 167 -0.48 9.45 -22.59
C ALA D 167 -0.18 9.86 -24.03
N ASN D 168 -1.19 9.89 -24.87
CA ASN D 168 -1.02 10.29 -26.27
C ASN D 168 -0.87 11.80 -26.38
N GLN D 169 0.15 12.35 -25.74
CA GLN D 169 0.37 13.79 -25.75
C GLN D 169 1.73 14.16 -26.36
N ASP D 170 2.78 14.15 -25.54
CA ASP D 170 4.16 14.41 -26.00
C ASP D 170 5.20 14.07 -24.94
N LEU D 175 1.28 18.50 -19.08
CA LEU D 175 0.35 17.71 -19.88
C LEU D 175 0.75 16.22 -19.87
N PHE D 176 1.97 15.94 -20.30
CA PHE D 176 2.50 14.57 -20.28
C PHE D 176 3.09 14.26 -18.91
N ASN D 177 3.54 15.29 -18.22
CA ASN D 177 4.01 15.16 -16.85
C ASN D 177 2.91 14.62 -15.93
N GLU D 178 1.72 15.17 -16.06
CA GLU D 178 0.59 14.78 -15.22
C GLU D 178 0.22 13.31 -15.40
N PHE D 179 0.63 12.73 -16.51
CA PHE D 179 0.48 11.30 -16.74
C PHE D 179 1.50 10.52 -15.91
N LEU D 180 2.73 11.01 -15.88
CA LEU D 180 3.82 10.37 -15.15
C LEU D 180 3.59 10.31 -13.64
N GLU D 181 2.89 11.31 -13.10
CA GLU D 181 2.61 11.34 -11.68
C GLU D 181 1.79 10.13 -11.27
N VAL D 182 0.80 9.80 -12.09
CA VAL D 182 -0.01 8.62 -11.86
C VAL D 182 0.88 7.39 -11.67
N LEU D 183 1.92 7.29 -12.50
CA LEU D 183 2.91 6.23 -12.36
C LEU D 183 3.77 6.49 -11.14
N HIS E 9 5.24 17.13 24.23
CA HIS E 9 4.04 16.36 23.79
C HIS E 9 4.47 15.03 23.16
N LYS E 10 4.65 15.02 21.85
CA LYS E 10 4.98 13.81 21.11
C LYS E 10 6.33 13.27 21.52
N THR E 11 6.53 11.96 21.36
CA THR E 11 7.85 11.36 21.61
C THR E 11 8.71 11.44 20.36
N LEU E 12 9.94 11.91 20.53
CA LEU E 12 10.85 12.18 19.40
C LEU E 12 11.90 11.09 19.26
N ALA E 13 12.64 11.16 18.16
CA ALA E 13 13.70 10.20 17.89
C ALA E 13 14.79 10.25 18.96
N MET E 14 15.02 11.43 19.52
CA MET E 14 16.02 11.63 20.58
C MET E 14 15.62 10.97 21.90
N ASP E 15 14.38 10.50 21.98
CA ASP E 15 13.89 9.82 23.17
C ASP E 15 14.10 8.32 23.08
N VAL E 16 14.43 7.82 21.90
CA VAL E 16 14.58 6.38 21.69
C VAL E 16 15.98 5.99 21.25
N MET E 17 16.73 6.93 20.69
CA MET E 17 18.06 6.64 20.17
C MET E 17 19.03 6.18 21.26
N LYS E 18 19.97 5.33 20.87
CA LYS E 18 21.08 4.95 21.72
C LYS E 18 22.29 5.72 21.20
N PRO E 19 23.24 6.09 22.09
CA PRO E 19 23.31 5.69 23.49
C PRO E 19 22.35 6.52 24.33
N ARG E 20 21.78 5.91 25.36
CA ARG E 20 20.89 6.63 26.25
C ARG E 20 21.70 7.58 27.12
N ARG E 21 21.00 8.48 27.81
CA ARG E 21 21.61 9.39 28.78
C ARG E 21 22.49 8.62 29.78
N ASN E 22 23.70 9.12 30.01
CA ASN E 22 24.64 8.51 30.95
C ASN E 22 25.20 7.16 30.50
N ASP E 23 25.17 6.88 29.21
CA ASP E 23 25.74 5.63 28.67
C ASP E 23 27.00 5.92 27.84
N PRO E 24 27.83 4.88 27.60
CA PRO E 24 29.07 5.09 26.82
C PRO E 24 28.84 5.58 25.39
N LEU E 25 29.77 6.39 24.88
CA LEU E 25 29.66 6.99 23.55
C LEU E 25 29.47 5.95 22.44
N LEU E 26 29.01 6.41 21.28
CA LEU E 26 28.84 5.56 20.11
C LEU E 26 30.14 4.94 19.67
N THR E 27 30.22 3.61 19.70
CA THR E 27 31.35 2.92 19.12
C THR E 27 31.35 3.22 17.63
N VAL E 28 32.32 4.02 17.20
CA VAL E 28 32.34 4.54 15.84
C VAL E 28 33.70 4.31 15.17
N LEU E 29 33.76 4.51 13.86
CA LEU E 29 34.99 4.38 13.08
C LEU E 29 35.35 5.71 12.41
N THR E 30 36.64 6.01 12.34
CA THR E 30 37.07 7.21 11.60
C THR E 30 37.37 6.84 10.14
N GLN E 31 37.45 7.84 9.26
CA GLN E 31 37.66 7.58 7.85
C GLN E 31 39.14 7.48 7.44
N ASP E 32 40.05 7.84 8.35
CA ASP E 32 41.46 8.07 8.00
C ASP E 32 42.48 7.54 8.98
N SER E 33 42.13 7.47 10.27
CA SER E 33 43.15 7.30 11.30
C SER E 33 43.21 5.90 11.94
N MET E 34 42.21 5.06 11.71
CA MET E 34 42.19 3.72 12.29
C MET E 34 43.20 2.82 11.58
N THR E 35 43.92 2.01 12.34
CA THR E 35 44.82 0.99 11.78
C THR E 35 44.13 -0.37 11.78
N VAL E 36 44.79 -1.39 11.24
CA VAL E 36 44.17 -2.70 11.14
C VAL E 36 43.90 -3.35 12.50
N GLU E 37 44.77 -3.12 13.47
CA GLU E 37 44.53 -3.67 14.81
C GLU E 37 43.49 -2.88 15.60
N ASP E 38 43.50 -1.55 15.44
CA ASP E 38 42.52 -0.69 16.11
C ASP E 38 41.10 -1.18 15.85
N VAL E 39 40.80 -1.54 14.61
CA VAL E 39 39.47 -2.01 14.23
C VAL E 39 39.22 -3.44 14.70
N GLU E 40 40.25 -4.28 14.62
CA GLU E 40 40.16 -5.67 15.04
C GLU E 40 39.86 -5.81 16.53
N THR E 41 40.43 -4.90 17.31
CA THR E 41 40.22 -4.89 18.76
C THR E 41 38.84 -4.37 19.11
N ILE E 42 38.29 -3.53 18.23
CA ILE E 42 36.94 -3.02 18.40
C ILE E 42 35.92 -4.13 18.11
N ILE E 43 36.18 -4.90 17.05
CA ILE E 43 35.34 -6.04 16.70
C ILE E 43 35.24 -7.05 17.83
N SER E 44 36.39 -7.39 18.42
CA SER E 44 36.46 -8.42 19.45
C SER E 44 35.85 -8.01 20.80
N GLU E 45 35.84 -6.72 21.09
CA GLU E 45 35.30 -6.21 22.36
C GLU E 45 33.84 -5.77 22.25
N THR E 46 33.26 -5.89 21.04
CA THR E 46 31.87 -5.50 20.80
C THR E 46 31.05 -6.59 20.10
N THR E 47 29.72 -6.45 20.14
CA THR E 47 28.83 -7.42 19.50
C THR E 47 27.75 -6.73 18.67
N TYR E 48 27.91 -5.43 18.45
CA TYR E 48 26.98 -4.67 17.62
C TYR E 48 26.98 -5.18 16.17
N SER E 49 25.88 -4.96 15.45
CA SER E 49 25.79 -5.38 14.06
C SER E 49 26.73 -4.58 13.17
N GLY E 50 26.83 -3.29 13.42
CA GLY E 50 27.64 -2.40 12.57
C GLY E 50 28.07 -1.11 13.25
N PHE E 51 28.82 -0.29 12.53
CA PHE E 51 29.39 0.93 13.08
C PHE E 51 29.29 2.09 12.10
N PRO E 52 28.87 3.25 12.60
CA PRO E 52 28.91 4.43 11.76
C PRO E 52 30.35 4.78 11.45
N VAL E 53 30.58 5.57 10.41
CA VAL E 53 31.91 6.08 10.11
C VAL E 53 31.87 7.58 9.86
N VAL E 54 32.69 8.30 10.63
CA VAL E 54 32.71 9.76 10.61
C VAL E 54 34.06 10.30 10.13
N VAL E 55 34.07 11.55 9.67
CA VAL E 55 35.30 12.23 9.27
C VAL E 55 36.35 12.22 10.37
N SER E 56 35.93 12.56 11.59
CA SER E 56 36.82 12.53 12.75
C SER E 56 35.97 12.49 14.02
N ARG E 57 36.59 12.08 15.13
CA ARG E 57 35.92 12.03 16.42
C ARG E 57 35.45 13.40 16.93
N GLU E 58 36.07 14.47 16.43
CA GLU E 58 35.68 15.82 16.81
C GLU E 58 34.49 16.37 16.02
N SER E 59 34.49 16.14 14.71
CA SER E 59 33.41 16.62 13.84
C SER E 59 32.14 15.78 13.99
N GLN E 60 32.30 14.47 13.89
CA GLN E 60 31.17 13.54 13.90
C GLN E 60 30.28 13.77 12.67
N ARG E 61 30.87 14.25 11.59
CA ARG E 61 30.18 14.42 10.32
C ARG E 61 30.09 13.07 9.62
N LEU E 62 28.87 12.63 9.34
CA LEU E 62 28.63 11.26 8.89
C LEU E 62 29.09 11.02 7.46
N VAL E 63 29.76 9.88 7.24
CA VAL E 63 30.24 9.50 5.92
C VAL E 63 29.55 8.22 5.42
N GLY E 64 29.49 7.20 6.28
CA GLY E 64 28.83 5.96 5.89
C GLY E 64 28.45 5.05 7.05
N PHE E 65 28.22 3.79 6.73
CA PHE E 65 27.92 2.76 7.72
C PHE E 65 28.47 1.43 7.20
N VAL E 66 29.18 0.72 8.07
CA VAL E 66 29.82 -0.53 7.69
C VAL E 66 29.38 -1.68 8.61
N LEU E 67 29.12 -2.84 8.03
CA LEU E 67 28.69 -4.00 8.81
C LEU E 67 29.90 -4.72 9.42
N ARG E 68 29.68 -5.28 10.60
CA ARG E 68 30.71 -6.08 11.28
C ARG E 68 31.16 -7.25 10.42
N ARG E 69 30.20 -7.90 9.75
CA ARG E 69 30.49 -8.99 8.84
C ARG E 69 31.52 -8.60 7.79
N ASP E 70 31.29 -7.48 7.11
CA ASP E 70 32.13 -7.04 6.00
C ASP E 70 33.54 -6.62 6.43
N LEU E 71 33.67 -6.16 7.66
CA LEU E 71 34.98 -5.82 8.22
C LEU E 71 35.85 -7.07 8.43
N ILE E 72 35.30 -8.06 9.12
CA ILE E 72 35.99 -9.32 9.38
C ILE E 72 36.50 -9.98 8.10
N ILE E 73 35.60 -10.20 7.15
CA ILE E 73 35.95 -10.80 5.85
C ILE E 73 36.99 -9.96 5.09
N SER E 74 36.74 -8.67 4.93
CA SER E 74 37.63 -7.79 4.18
C SER E 74 39.04 -7.67 4.77
N ILE E 75 39.13 -7.70 6.10
CA ILE E 75 40.42 -7.59 6.77
C ILE E 75 41.27 -8.87 6.64
N GLU E 76 40.63 -10.03 6.79
CA GLU E 76 41.32 -11.31 6.68
C GLU E 76 41.86 -11.55 5.27
N ASN E 77 41.11 -11.11 4.26
CA ASN E 77 41.49 -11.34 2.86
C ASN E 77 42.64 -10.45 2.36
N ALA E 78 42.93 -9.38 3.10
CA ALA E 78 44.04 -8.49 2.74
C ALA E 78 45.39 -9.00 3.26
N ARG E 79 45.36 -9.70 4.39
CA ARG E 79 46.57 -10.31 4.97
C ARG E 79 46.97 -11.54 4.16
N LYS E 80 46.08 -11.98 3.29
CA LYS E 80 46.24 -13.23 2.55
C LYS E 80 46.56 -12.94 1.09
N LYS E 81 46.86 -11.68 0.78
CA LYS E 81 46.94 -11.22 -0.60
C LYS E 81 48.38 -11.01 -1.07
N GLN E 82 49.24 -10.68 -0.11
CA GLN E 82 50.58 -10.10 -0.35
C GLN E 82 50.58 -8.83 -1.22
N ASP E 83 49.91 -7.80 -0.70
CA ASP E 83 50.24 -6.42 -1.01
C ASP E 83 50.99 -5.92 0.22
N GLY E 84 51.51 -6.86 1.00
CA GLY E 84 52.29 -6.55 2.21
C GLY E 84 51.54 -5.89 3.35
N VAL E 85 50.26 -6.23 3.51
CA VAL E 85 49.44 -5.64 4.58
C VAL E 85 49.74 -6.26 5.94
N VAL E 86 50.11 -5.42 6.90
CA VAL E 86 50.46 -5.87 8.25
C VAL E 86 49.56 -5.21 9.31
N SER E 87 49.88 -5.39 10.59
CA SER E 87 48.95 -4.99 11.67
C SER E 87 48.84 -3.48 11.94
N THR E 88 49.79 -2.72 11.43
CA THR E 88 49.82 -1.27 11.68
C THR E 88 49.47 -0.44 10.44
N SER E 89 48.92 -1.09 9.42
CA SER E 89 48.52 -0.39 8.19
C SER E 89 47.29 0.49 8.40
N ILE E 90 47.27 1.64 7.74
CA ILE E 90 46.16 2.56 7.88
C ILE E 90 44.97 2.15 7.01
N ILE E 91 43.77 2.19 7.59
CA ILE E 91 42.54 1.90 6.90
C ILE E 91 41.83 3.20 6.54
N TYR E 92 41.44 3.36 5.27
CA TYR E 92 40.70 4.55 4.84
C TYR E 92 39.44 4.23 4.05
N PHE E 93 38.42 5.05 4.25
CA PHE E 93 37.14 4.84 3.59
C PHE E 93 36.90 5.92 2.55
N THR E 94 37.88 6.81 2.36
CA THR E 94 37.77 7.83 1.32
C THR E 94 38.18 7.26 -0.03
N GLU E 95 37.98 8.04 -1.09
CA GLU E 95 38.36 7.62 -2.43
C GLU E 95 39.87 7.45 -2.56
N HIS E 96 40.63 8.40 -2.00
CA HIS E 96 42.09 8.34 -2.06
C HIS E 96 42.70 8.35 -0.66
N SER E 97 43.96 7.93 -0.56
CA SER E 97 44.63 7.75 0.73
C SER E 97 44.99 9.09 1.36
N PRO E 98 45.04 9.13 2.71
CA PRO E 98 45.47 10.33 3.43
C PRO E 98 46.94 10.62 3.22
N PRO E 99 47.34 11.90 3.30
CA PRO E 99 48.75 12.26 3.18
C PRO E 99 49.57 11.55 4.24
N LEU E 100 50.50 10.70 3.82
CA LEU E 100 51.32 9.91 4.74
C LEU E 100 52.79 9.99 4.38
N PRO E 101 53.68 9.91 5.40
CA PRO E 101 55.12 9.85 5.14
C PRO E 101 55.50 8.69 4.22
N PRO E 102 56.54 8.87 3.39
CA PRO E 102 56.91 7.85 2.39
C PRO E 102 57.38 6.51 2.98
N TYR E 103 57.77 6.47 4.25
CA TYR E 103 58.29 5.25 4.87
C TYR E 103 57.24 4.34 5.50
N THR E 104 55.97 4.75 5.47
CA THR E 104 54.88 4.02 6.11
C THR E 104 54.45 2.79 5.31
N PRO E 105 54.07 1.69 5.99
CA PRO E 105 53.58 0.48 5.31
C PRO E 105 52.36 0.76 4.40
N PRO E 106 52.13 -0.09 3.37
CA PRO E 106 51.00 0.09 2.46
C PRO E 106 49.65 0.18 3.18
N THR E 107 48.69 0.85 2.56
CA THR E 107 47.39 1.07 3.19
C THR E 107 46.37 0.00 2.82
N LEU E 108 45.19 0.08 3.41
CA LEU E 108 44.06 -0.78 3.05
C LEU E 108 42.83 0.07 2.76
N LYS E 109 42.46 0.16 1.47
CA LYS E 109 41.22 0.84 1.09
C LYS E 109 40.00 -0.06 1.36
N LEU E 110 39.02 0.47 2.07
CA LEU E 110 37.79 -0.28 2.35
C LEU E 110 36.52 0.47 1.98
N ARG E 111 36.61 1.36 0.99
CA ARG E 111 35.44 2.14 0.55
C ARG E 111 34.36 1.24 -0.03
N ASN E 112 34.77 0.12 -0.63
CA ASN E 112 33.83 -0.75 -1.31
C ASN E 112 32.97 -1.66 -0.41
N ILE E 113 33.13 -1.56 0.90
CA ILE E 113 32.21 -2.23 1.83
C ILE E 113 31.49 -1.22 2.71
N LEU E 114 31.49 0.03 2.26
CA LEU E 114 30.89 1.12 3.00
C LEU E 114 29.60 1.61 2.37
N ASP E 115 28.49 1.47 3.08
CA ASP E 115 27.22 2.04 2.64
C ASP E 115 27.33 3.56 2.70
N LEU E 116 27.40 4.20 1.53
CA LEU E 116 27.51 5.66 1.44
C LEU E 116 26.15 6.35 1.47
N SER E 117 25.08 5.57 1.58
CA SER E 117 23.73 6.11 1.65
C SER E 117 22.92 5.50 2.79
N PRO E 118 23.41 5.65 4.04
CA PRO E 118 22.58 5.17 5.13
C PRO E 118 21.50 6.21 5.44
N PHE E 119 20.32 5.77 5.89
CA PHE E 119 19.23 6.70 6.07
C PHE E 119 19.37 7.45 7.39
N THR E 120 19.21 8.78 7.32
CA THR E 120 19.33 9.61 8.52
C THR E 120 18.03 10.34 8.85
N VAL E 121 17.87 10.65 10.14
CA VAL E 121 16.70 11.34 10.64
C VAL E 121 17.18 12.39 11.64
N THR E 122 16.50 13.52 11.74
CA THR E 122 16.91 14.53 12.72
C THR E 122 16.33 14.20 14.10
N ASP E 123 17.07 14.54 15.15
CA ASP E 123 16.65 14.23 16.52
C ASP E 123 15.28 14.78 16.89
N LEU E 124 14.86 15.85 16.23
CA LEU E 124 13.58 16.48 16.51
C LEU E 124 12.43 15.82 15.74
N THR E 125 12.76 14.80 14.95
CA THR E 125 11.75 14.06 14.20
C THR E 125 10.93 13.15 15.13
N PRO E 126 9.61 13.34 15.17
CA PRO E 126 8.74 12.49 15.98
C PRO E 126 8.83 11.01 15.61
N MET E 127 8.63 10.13 16.59
CA MET E 127 8.71 8.69 16.37
C MET E 127 7.66 8.21 15.38
N GLU E 128 6.48 8.80 15.44
CA GLU E 128 5.41 8.43 14.53
C GLU E 128 5.98 8.35 13.12
N ILE E 129 6.71 9.39 12.73
CA ILE E 129 7.28 9.46 11.39
C ILE E 129 8.40 8.46 11.21
N VAL E 130 9.21 8.26 12.25
CA VAL E 130 10.33 7.32 12.18
C VAL E 130 9.83 5.89 11.99
N VAL E 131 8.77 5.52 12.72
CA VAL E 131 8.18 4.19 12.60
C VAL E 131 7.62 3.99 11.21
N ASP E 132 7.05 5.08 10.68
CA ASP E 132 6.49 5.13 9.34
C ASP E 132 7.55 4.87 8.27
N ILE E 133 8.70 5.53 8.41
CA ILE E 133 9.83 5.33 7.50
C ILE E 133 10.40 3.92 7.57
N PHE E 134 10.50 3.39 8.79
CA PHE E 134 10.96 2.02 9.01
C PHE E 134 10.06 1.01 8.32
N ARG E 135 8.75 1.27 8.38
CA ARG E 135 7.76 0.36 7.84
C ARG E 135 7.69 0.46 6.31
N LYS E 136 7.82 1.67 5.78
CA LYS E 136 7.66 1.92 4.34
C LYS E 136 8.91 1.63 3.50
N LEU E 137 10.09 1.67 4.11
CA LEU E 137 11.33 1.42 3.38
C LEU E 137 12.01 0.14 3.85
N GLY E 138 11.45 -0.48 4.89
CA GLY E 138 11.99 -1.71 5.47
C GLY E 138 13.43 -1.61 5.94
N LEU E 139 13.72 -0.68 6.85
CA LEU E 139 15.09 -0.43 7.27
C LEU E 139 15.61 -1.38 8.34
N ARG E 140 16.92 -1.60 8.33
CA ARG E 140 17.57 -2.42 9.33
C ARG E 140 18.03 -1.56 10.51
N GLN E 141 18.21 -0.27 10.24
CA GLN E 141 18.56 0.73 11.26
C GLN E 141 18.59 2.12 10.65
N CYS E 142 18.60 3.14 11.51
CA CYS E 142 18.58 4.52 11.07
C CYS E 142 19.51 5.33 11.95
N LEU E 143 20.07 6.40 11.41
CA LEU E 143 20.96 7.24 12.19
C LEU E 143 20.34 8.61 12.50
N VAL E 144 20.71 9.17 13.65
CA VAL E 144 20.11 10.42 14.10
C VAL E 144 21.12 11.54 14.14
N THR E 145 20.80 12.65 13.48
CA THR E 145 21.70 13.81 13.45
C THR E 145 21.10 15.04 14.11
N HIS E 146 21.97 16.01 14.41
CA HIS E 146 21.54 17.33 14.84
C HIS E 146 22.37 18.39 14.12
N ASN E 147 21.76 19.01 13.10
CA ASN E 147 22.44 20.02 12.29
C ASN E 147 23.76 19.53 11.66
N GLY E 148 23.69 18.40 10.96
CA GLY E 148 24.85 17.84 10.26
C GLY E 148 25.76 16.97 11.11
N ARG E 149 25.42 16.84 12.39
CA ARG E 149 26.27 16.15 13.37
C ARG E 149 25.61 14.88 13.93
N LEU E 150 26.34 13.76 13.92
CA LEU E 150 25.83 12.45 14.38
C LEU E 150 25.62 12.33 15.88
N LEU E 151 24.43 11.89 16.27
CA LEU E 151 24.05 11.83 17.69
C LEU E 151 23.89 10.42 18.26
N GLY E 152 23.20 9.57 17.50
CA GLY E 152 22.92 8.22 17.97
C GLY E 152 22.30 7.35 16.89
N ILE E 153 21.85 6.16 17.28
CA ILE E 153 21.34 5.20 16.33
C ILE E 153 20.03 4.57 16.79
N ILE E 154 19.19 4.20 15.83
CA ILE E 154 17.97 3.48 16.14
C ILE E 154 17.90 2.30 15.18
N THR E 155 17.68 1.11 15.74
CA THR E 155 17.60 -0.09 14.92
C THR E 155 16.16 -0.60 14.91
N LYS E 156 15.90 -1.62 14.10
CA LYS E 156 14.55 -2.18 14.04
C LYS E 156 14.14 -2.74 15.39
N LYS E 157 15.05 -3.44 16.07
CA LYS E 157 14.72 -4.02 17.37
C LYS E 157 14.34 -2.92 18.38
N ASP E 158 15.07 -1.81 18.36
CA ASP E 158 14.73 -0.66 19.20
C ASP E 158 13.30 -0.22 18.92
N VAL E 159 12.96 -0.08 17.66
CA VAL E 159 11.64 0.38 17.23
C VAL E 159 10.55 -0.56 17.72
N LEU E 160 10.80 -1.87 17.64
CA LEU E 160 9.83 -2.86 18.10
C LEU E 160 9.63 -2.79 19.61
N LYS E 161 10.75 -2.66 20.35
CA LYS E 161 10.71 -2.54 21.81
C LYS E 161 9.99 -1.27 22.24
N HIS E 162 10.03 -0.25 21.40
CA HIS E 162 9.36 1.01 21.66
C HIS E 162 7.85 0.84 21.54
N ILE E 163 7.43 0.16 20.47
CA ILE E 163 6.01 -0.06 20.19
C ILE E 163 5.36 -0.95 21.24
N ALA E 164 6.14 -1.88 21.79
CA ALA E 164 5.66 -2.78 22.83
C ALA E 164 5.36 -2.02 24.12
N GLN E 165 6.21 -1.03 24.41
CA GLN E 165 6.07 -0.25 25.64
C GLN E 165 4.89 0.71 25.56
N MET E 166 4.52 1.09 24.35
CA MET E 166 3.35 1.95 24.12
C MET E 166 2.06 1.24 24.53
N ALA E 167 2.03 -0.08 24.38
CA ALA E 167 0.83 -0.88 24.67
C ALA E 167 0.47 -1.01 26.17
N ASN E 168 1.44 -0.72 27.05
CA ASN E 168 1.23 -0.86 28.49
C ASN E 168 0.76 0.42 29.19
N PHE E 176 -1.87 7.32 25.34
CA PHE E 176 -1.66 5.90 25.06
C PHE E 176 -1.86 5.57 23.58
N ASN E 177 -2.70 6.35 22.91
CA ASN E 177 -3.10 6.06 21.54
C ASN E 177 -2.05 6.33 20.46
N GLU E 178 -0.84 6.71 20.87
CA GLU E 178 0.27 6.73 19.93
C GLU E 178 0.47 5.31 19.40
N PHE E 179 0.09 4.33 20.23
CA PHE E 179 0.14 2.92 19.86
C PHE E 179 -0.87 2.59 18.77
N LEU E 180 -2.07 3.16 18.89
CA LEU E 180 -3.14 2.93 17.95
C LEU E 180 -2.87 3.61 16.60
N GLU E 181 -2.05 4.65 16.63
CA GLU E 181 -1.70 5.40 15.42
C GLU E 181 -0.83 4.60 14.45
N VAL E 182 -0.27 3.48 14.90
CA VAL E 182 0.64 2.70 14.08
C VAL E 182 -0.02 1.42 13.54
N HIS F 9 28.54 4.67 -15.71
CA HIS F 9 27.23 4.56 -16.41
C HIS F 9 26.07 4.87 -15.46
N LYS F 10 26.25 4.55 -14.19
CA LYS F 10 25.22 4.78 -13.18
C LYS F 10 25.06 6.25 -12.82
N THR F 11 23.84 6.76 -12.90
CA THR F 11 23.57 8.17 -12.65
C THR F 11 23.28 8.43 -11.17
N LEU F 12 24.10 9.29 -10.56
CA LEU F 12 24.02 9.58 -9.12
C LEU F 12 23.20 10.83 -8.82
N ALA F 13 22.81 10.99 -7.56
CA ALA F 13 21.96 12.12 -7.13
C ALA F 13 22.53 13.50 -7.49
N MET F 14 23.84 13.57 -7.63
CA MET F 14 24.50 14.85 -7.88
C MET F 14 24.41 15.26 -9.35
N ASP F 15 23.98 14.33 -10.19
CA ASP F 15 23.83 14.59 -11.62
C ASP F 15 22.46 15.20 -11.93
N VAL F 16 21.55 15.14 -10.98
CA VAL F 16 20.21 15.65 -11.19
C VAL F 16 19.86 16.77 -10.21
N MET F 17 20.73 17.00 -9.23
CA MET F 17 20.48 18.03 -8.23
C MET F 17 20.70 19.43 -8.78
N LYS F 18 19.94 20.39 -8.25
CA LYS F 18 20.13 21.80 -8.58
C LYS F 18 20.85 22.49 -7.41
N PRO F 19 21.72 23.48 -7.71
CA PRO F 19 22.00 24.03 -9.02
C PRO F 19 23.03 23.23 -9.80
N ARG F 20 23.05 23.45 -11.12
CA ARG F 20 23.95 22.74 -12.01
C ARG F 20 25.35 23.37 -12.01
N ARG F 21 26.31 22.65 -12.60
CA ARG F 21 27.65 23.20 -12.79
C ARG F 21 27.60 24.53 -13.53
N ASN F 22 27.88 25.61 -12.81
CA ASN F 22 27.94 26.93 -13.42
C ASN F 22 26.58 27.64 -13.40
N ASP F 23 25.80 27.36 -12.37
CA ASP F 23 24.63 28.18 -12.06
C ASP F 23 24.76 28.83 -10.70
N PRO F 24 24.06 29.94 -10.50
CA PRO F 24 24.01 30.62 -9.20
C PRO F 24 23.80 29.64 -8.04
N LEU F 25 24.50 29.88 -6.93
CA LEU F 25 24.44 29.00 -5.75
C LEU F 25 23.04 28.91 -5.16
N LEU F 26 22.84 27.93 -4.28
CA LEU F 26 21.55 27.72 -3.63
C LEU F 26 21.00 29.00 -3.00
N THR F 27 19.75 29.31 -3.30
CA THR F 27 19.07 30.43 -2.64
C THR F 27 18.56 29.97 -1.28
N VAL F 28 19.44 30.04 -0.29
CA VAL F 28 19.17 29.52 1.04
C VAL F 28 18.84 30.65 2.00
N LEU F 29 18.38 30.31 3.20
CA LEU F 29 18.18 31.29 4.27
C LEU F 29 18.94 30.84 5.53
N THR F 30 19.26 31.78 6.41
CA THR F 30 19.95 31.45 7.65
C THR F 30 19.02 31.53 8.85
N GLN F 31 19.54 31.22 10.04
CA GLN F 31 18.72 31.16 11.23
C GLN F 31 18.96 32.30 12.23
N ASP F 32 19.87 33.21 11.90
CA ASP F 32 20.23 34.30 12.83
C ASP F 32 20.65 35.61 12.17
N SER F 33 21.02 35.56 10.89
CA SER F 33 21.47 36.77 10.21
C SER F 33 20.64 37.10 8.96
N MET F 34 19.31 37.03 9.11
CA MET F 34 18.41 37.35 8.01
C MET F 34 17.47 38.49 8.40
N THR F 35 17.50 39.57 7.62
CA THR F 35 16.60 40.70 7.87
C THR F 35 15.38 40.64 6.95
N VAL F 36 14.28 41.26 7.38
CA VAL F 36 13.02 41.21 6.63
C VAL F 36 13.20 41.68 5.19
N GLU F 37 14.04 42.69 4.99
CA GLU F 37 14.28 43.24 3.66
C GLU F 37 15.10 42.29 2.80
N ASP F 38 15.97 41.51 3.44
CA ASP F 38 16.77 40.52 2.74
C ASP F 38 15.90 39.33 2.30
N VAL F 39 14.71 39.25 2.87
CA VAL F 39 13.75 38.21 2.51
C VAL F 39 12.86 38.70 1.38
N GLU F 40 12.27 39.87 1.57
CA GLU F 40 11.38 40.46 0.57
C GLU F 40 12.10 40.65 -0.76
N THR F 41 13.41 40.90 -0.71
CA THR F 41 14.21 41.07 -1.92
C THR F 41 14.56 39.73 -2.58
N ILE F 42 14.35 38.64 -1.86
CA ILE F 42 14.52 37.30 -2.43
C ILE F 42 13.22 36.84 -3.07
N ILE F 43 12.10 37.17 -2.44
CA ILE F 43 10.77 36.82 -2.95
C ILE F 43 10.47 37.62 -4.22
N SER F 44 10.88 38.88 -4.22
CA SER F 44 10.58 39.78 -5.33
C SER F 44 11.57 39.62 -6.49
N GLU F 45 12.49 38.66 -6.38
CA GLU F 45 13.45 38.39 -7.44
C GLU F 45 13.22 37.03 -8.10
N THR F 46 13.46 35.95 -7.34
CA THR F 46 13.28 34.60 -7.87
C THR F 46 11.84 34.12 -7.73
N THR F 47 11.55 32.94 -8.26
CA THR F 47 10.20 32.37 -8.20
C THR F 47 10.22 30.88 -7.86
N TYR F 48 10.89 30.53 -6.77
CA TYR F 48 11.05 29.13 -6.37
C TYR F 48 9.96 28.66 -5.42
N SER F 49 9.78 27.34 -5.32
CA SER F 49 8.74 26.75 -4.48
C SER F 49 8.99 26.93 -2.99
N GLY F 50 10.23 26.67 -2.56
CA GLY F 50 10.59 26.78 -1.16
C GLY F 50 12.09 26.94 -0.95
N PHE F 51 12.49 27.35 0.25
CA PHE F 51 13.89 27.64 0.52
C PHE F 51 14.38 26.92 1.78
N PRO F 52 15.55 26.25 1.68
CA PRO F 52 16.18 25.59 2.82
C PRO F 52 16.71 26.61 3.82
N VAL F 53 16.88 26.21 5.07
CA VAL F 53 17.50 27.09 6.06
C VAL F 53 18.70 26.40 6.71
N VAL F 54 19.78 27.16 6.86
CA VAL F 54 21.00 26.62 7.43
C VAL F 54 21.47 27.43 8.64
N VAL F 55 22.40 26.86 9.41
CA VAL F 55 22.96 27.53 10.59
C VAL F 55 23.66 28.83 10.18
N SER F 56 24.51 28.73 9.17
CA SER F 56 25.20 29.89 8.61
C SER F 56 25.63 29.61 7.17
N ARG F 57 25.98 30.66 6.44
CA ARG F 57 26.45 30.52 5.05
C ARG F 57 27.80 29.80 4.99
N GLU F 58 28.58 29.93 6.06
CA GLU F 58 29.92 29.35 6.10
C GLU F 58 29.87 27.86 6.41
N SER F 59 28.98 27.48 7.34
CA SER F 59 28.88 26.10 7.79
C SER F 59 28.02 25.27 6.86
N GLN F 60 26.97 25.88 6.31
CA GLN F 60 26.05 25.20 5.41
C GLN F 60 25.45 23.92 5.99
N ARG F 61 25.17 23.96 7.29
CA ARG F 61 24.53 22.85 7.99
C ARG F 61 23.01 23.04 8.03
N LEU F 62 22.29 22.03 7.59
CA LEU F 62 20.85 22.08 7.39
C LEU F 62 20.07 22.20 8.70
N VAL F 63 19.15 23.16 8.76
CA VAL F 63 18.28 23.32 9.92
C VAL F 63 16.84 22.89 9.61
N GLY F 64 16.38 23.17 8.40
CA GLY F 64 15.03 22.81 7.99
C GLY F 64 14.64 23.36 6.62
N PHE F 65 13.35 23.25 6.29
CA PHE F 65 12.84 23.69 5.00
C PHE F 65 11.55 24.49 5.14
N VAL F 66 11.48 25.64 4.50
CA VAL F 66 10.29 26.50 4.57
C VAL F 66 9.72 26.83 3.19
N LEU F 67 8.45 26.51 2.98
CA LEU F 67 7.76 26.75 1.73
C LEU F 67 7.65 28.24 1.42
N ARG F 68 7.50 28.59 0.14
CA ARG F 68 7.42 29.99 -0.28
C ARG F 68 6.07 30.60 0.06
N ARG F 69 4.99 29.88 -0.26
CA ARG F 69 3.63 30.37 -0.01
C ARG F 69 3.39 30.65 1.47
N ASP F 70 4.33 30.26 2.31
CA ASP F 70 4.18 30.40 3.76
C ASP F 70 5.01 31.55 4.33
N LEU F 71 6.02 31.99 3.57
CA LEU F 71 6.90 33.06 4.01
C LEU F 71 6.23 34.43 3.95
N ILE F 72 5.32 34.60 3.01
CA ILE F 72 4.65 35.89 2.80
C ILE F 72 3.60 36.19 3.87
N ILE F 73 2.68 35.26 4.08
CA ILE F 73 1.56 35.44 5.02
C ILE F 73 2.01 35.87 6.42
N SER F 74 3.17 35.38 6.84
CA SER F 74 3.69 35.65 8.18
C SER F 74 4.39 37.00 8.30
N ILE F 75 4.88 37.51 7.18
CA ILE F 75 5.59 38.80 7.16
C ILE F 75 4.62 39.98 7.09
N GLU F 76 3.64 39.88 6.20
CA GLU F 76 2.67 40.96 5.99
C GLU F 76 1.68 41.10 7.16
N ASN F 77 1.65 40.11 8.03
CA ASN F 77 0.77 40.14 9.20
C ASN F 77 1.48 40.68 10.45
N ALA F 78 2.81 40.71 10.42
CA ALA F 78 3.59 41.15 11.57
C ALA F 78 4.06 42.61 11.47
N ARG F 79 3.86 43.22 10.30
CA ARG F 79 4.17 44.63 10.12
C ARG F 79 2.89 45.47 10.24
N LYS F 80 1.75 44.81 10.22
CA LYS F 80 0.45 45.46 10.41
C LYS F 80 0.18 45.76 11.88
N GLY F 84 7.51 46.79 17.05
CA GLY F 84 8.07 47.73 16.09
C GLY F 84 8.89 47.03 15.01
N VAL F 85 8.21 46.21 14.21
CA VAL F 85 8.88 45.45 13.15
C VAL F 85 9.06 46.28 11.87
N VAL F 86 10.28 46.76 11.66
CA VAL F 86 10.62 47.55 10.48
C VAL F 86 11.34 46.71 9.42
N SER F 87 12.01 47.37 8.49
CA SER F 87 12.74 46.70 7.41
C SER F 87 14.13 46.23 7.84
N THR F 88 14.49 46.52 9.09
CA THR F 88 15.81 46.15 9.60
C THR F 88 15.70 45.27 10.84
N SER F 89 14.63 44.49 10.93
CA SER F 89 14.45 43.56 12.03
C SER F 89 14.90 42.16 11.63
N ILE F 90 15.80 41.58 12.42
CA ILE F 90 16.34 40.26 12.12
C ILE F 90 15.36 39.14 12.46
N ILE F 91 15.19 38.21 11.52
CA ILE F 91 14.27 37.08 11.68
C ILE F 91 15.03 35.80 12.03
N TYR F 92 14.63 35.16 13.13
CA TYR F 92 15.27 33.92 13.57
C TYR F 92 14.37 32.70 13.46
N PHE F 93 14.98 31.53 13.31
CA PHE F 93 14.24 30.29 13.13
C PHE F 93 14.42 29.32 14.30
N THR F 94 15.32 29.65 15.22
CA THR F 94 15.53 28.81 16.41
C THR F 94 14.39 29.02 17.40
N GLU F 95 14.59 28.59 18.64
CA GLU F 95 13.55 28.74 19.65
C GLU F 95 13.59 30.10 20.34
N HIS F 96 14.80 30.63 20.54
CA HIS F 96 14.97 31.89 21.24
C HIS F 96 15.82 32.88 20.45
N SER F 97 15.56 34.17 20.66
CA SER F 97 16.27 35.25 19.98
C SER F 97 17.75 35.29 20.36
N PRO F 98 18.63 35.53 19.38
CA PRO F 98 20.05 35.65 19.66
C PRO F 98 20.37 36.98 20.35
N PRO F 99 21.54 37.07 21.00
CA PRO F 99 21.97 38.28 21.68
C PRO F 99 22.27 39.43 20.71
N LEU F 100 21.60 40.56 20.90
CA LEU F 100 21.77 41.73 20.04
C LEU F 100 22.06 42.98 20.87
N PRO F 101 22.69 43.99 20.25
CA PRO F 101 22.90 45.28 20.92
C PRO F 101 21.59 45.93 21.37
N PRO F 102 21.61 46.68 22.49
CA PRO F 102 20.41 47.24 23.11
C PRO F 102 19.67 48.28 22.28
N TYR F 103 20.29 48.77 21.22
CA TYR F 103 19.66 49.80 20.37
C TYR F 103 18.66 49.23 19.36
N THR F 104 18.91 48.00 18.90
CA THR F 104 18.15 47.39 17.82
C THR F 104 16.68 47.14 18.14
N PRO F 105 15.79 47.32 17.14
CA PRO F 105 14.35 47.12 17.25
C PRO F 105 13.96 45.68 17.63
N PRO F 106 12.66 45.43 17.82
CA PRO F 106 12.16 44.09 18.15
C PRO F 106 12.43 43.05 17.05
N THR F 107 12.41 41.77 17.42
CA THR F 107 12.65 40.69 16.47
C THR F 107 11.39 39.90 16.13
N LEU F 108 11.55 38.84 15.34
CA LEU F 108 10.42 38.04 14.87
C LEU F 108 10.80 36.56 14.77
N LYS F 109 9.86 35.69 15.12
CA LYS F 109 10.08 34.25 15.14
C LYS F 109 9.22 33.55 14.08
N LEU F 110 9.84 32.66 13.30
CA LEU F 110 9.12 31.89 12.28
C LEU F 110 9.31 30.39 12.44
N ARG F 111 9.86 29.99 13.59
CA ARG F 111 10.06 28.59 13.95
C ARG F 111 8.87 27.73 13.56
N ASN F 112 7.67 28.20 13.93
CA ASN F 112 6.44 27.42 13.83
C ASN F 112 5.89 27.19 12.42
N ILE F 113 6.71 27.44 11.40
CA ILE F 113 6.27 27.23 10.03
C ILE F 113 7.39 26.56 9.23
N LEU F 114 8.42 26.13 9.95
CA LEU F 114 9.58 25.47 9.38
C LEU F 114 9.49 23.96 9.53
N ASP F 115 9.71 23.24 8.44
CA ASP F 115 9.77 21.79 8.49
C ASP F 115 11.12 21.33 9.05
N LEU F 116 11.13 20.88 10.30
CA LEU F 116 12.37 20.51 10.99
C LEU F 116 12.84 19.08 10.68
N SER F 117 12.07 18.35 9.88
CA SER F 117 12.41 16.97 9.53
C SER F 117 12.33 16.74 8.02
N PRO F 118 13.08 17.53 7.25
CA PRO F 118 13.10 17.35 5.80
C PRO F 118 13.94 16.13 5.45
N PHE F 119 13.75 15.57 4.26
CA PHE F 119 14.45 14.33 3.93
C PHE F 119 15.77 14.54 3.21
N THR F 120 16.73 13.68 3.54
CA THR F 120 18.12 13.88 3.15
C THR F 120 18.63 12.68 2.37
N VAL F 121 19.49 12.93 1.39
CA VAL F 121 20.20 11.87 0.70
C VAL F 121 21.62 12.38 0.41
N THR F 122 22.58 11.46 0.27
CA THR F 122 23.97 11.86 -0.01
C THR F 122 24.22 12.11 -1.51
N ASP F 123 25.28 12.84 -1.82
CA ASP F 123 25.55 13.21 -3.22
C ASP F 123 25.89 12.02 -4.11
N LEU F 124 26.22 10.88 -3.50
CA LEU F 124 26.58 9.68 -4.24
C LEU F 124 25.53 8.57 -4.09
N THR F 125 24.29 8.95 -3.81
CA THR F 125 23.19 8.00 -3.72
C THR F 125 22.61 7.72 -5.10
N PRO F 126 22.62 6.44 -5.51
CA PRO F 126 22.08 6.05 -6.81
C PRO F 126 20.68 6.62 -7.01
N MET F 127 20.41 7.12 -8.21
CA MET F 127 19.10 7.68 -8.52
C MET F 127 17.98 6.63 -8.46
N GLU F 128 18.35 5.35 -8.65
CA GLU F 128 17.36 4.28 -8.56
C GLU F 128 16.88 4.07 -7.12
N ILE F 129 17.61 4.64 -6.17
CA ILE F 129 17.18 4.63 -4.79
C ILE F 129 16.46 5.92 -4.44
N VAL F 130 16.87 7.02 -5.10
CA VAL F 130 16.20 8.31 -4.90
C VAL F 130 14.78 8.26 -5.44
N VAL F 131 14.61 7.61 -6.59
CA VAL F 131 13.29 7.42 -7.17
C VAL F 131 12.44 6.57 -6.24
N ASP F 132 13.00 5.44 -5.81
CA ASP F 132 12.33 4.53 -4.88
C ASP F 132 11.79 5.24 -3.63
N ILE F 133 12.64 6.06 -3.02
CA ILE F 133 12.29 6.83 -1.82
C ILE F 133 11.22 7.87 -2.07
N PHE F 134 11.27 8.53 -3.23
CA PHE F 134 10.27 9.54 -3.60
C PHE F 134 8.90 8.93 -3.77
N ARG F 135 8.86 7.70 -4.29
CA ARG F 135 7.61 6.97 -4.46
C ARG F 135 7.01 6.54 -3.12
N LYS F 136 7.77 5.73 -2.38
CA LYS F 136 7.27 5.13 -1.14
C LYS F 136 6.92 6.13 -0.04
N LEU F 137 7.61 7.27 -0.02
CA LEU F 137 7.36 8.28 1.00
C LEU F 137 6.51 9.43 0.46
N GLY F 138 6.44 9.55 -0.86
CA GLY F 138 5.66 10.59 -1.49
C GLY F 138 6.18 11.98 -1.18
N LEU F 139 7.32 12.33 -1.75
CA LEU F 139 8.03 13.55 -1.37
C LEU F 139 7.89 14.66 -2.40
N ARG F 140 7.66 15.88 -1.91
CA ARG F 140 7.62 17.05 -2.79
C ARG F 140 9.03 17.51 -3.17
N GLN F 141 9.97 17.42 -2.23
CA GLN F 141 11.39 17.66 -2.52
C GLN F 141 12.30 16.88 -1.59
N CYS F 142 13.60 16.99 -1.83
CA CYS F 142 14.61 16.23 -1.08
C CYS F 142 15.97 16.90 -1.20
N LEU F 143 16.57 17.26 -0.07
CA LEU F 143 17.86 17.95 -0.07
C LEU F 143 19.04 16.99 -0.11
N VAL F 144 20.12 17.41 -0.76
CA VAL F 144 21.29 16.57 -0.99
C VAL F 144 22.50 17.10 -0.24
N THR F 145 23.21 16.19 0.43
CA THR F 145 24.33 16.58 1.29
C THR F 145 25.58 15.74 1.06
N HIS F 146 26.73 16.31 1.42
CA HIS F 146 27.99 15.58 1.37
C HIS F 146 28.65 15.61 2.74
N ASN F 147 28.77 14.43 3.37
CA ASN F 147 29.37 14.33 4.69
C ASN F 147 28.90 15.43 5.66
N GLY F 148 27.59 15.66 5.72
CA GLY F 148 27.01 16.58 6.69
C GLY F 148 26.75 18.01 6.21
N ARG F 149 27.19 18.33 5.00
CA ARG F 149 27.02 19.68 4.47
C ARG F 149 26.02 19.73 3.32
N LEU F 150 25.10 20.68 3.38
CA LEU F 150 24.12 20.87 2.32
C LEU F 150 24.80 21.21 0.99
N LEU F 151 24.41 20.51 -0.07
CA LEU F 151 25.01 20.74 -1.37
C LEU F 151 23.96 21.22 -2.38
N GLY F 152 22.84 20.51 -2.47
CA GLY F 152 21.81 20.83 -3.45
C GLY F 152 20.39 20.38 -3.11
N ILE F 153 19.50 20.46 -4.10
CA ILE F 153 18.10 20.11 -3.93
C ILE F 153 17.58 19.27 -5.08
N ILE F 154 16.54 18.48 -4.83
CA ILE F 154 15.87 17.68 -5.86
C ILE F 154 14.37 17.71 -5.59
N THR F 155 13.60 18.23 -6.55
CA THR F 155 12.16 18.34 -6.39
C THR F 155 11.39 17.29 -7.18
N LYS F 156 10.13 17.10 -6.83
CA LYS F 156 9.26 16.14 -7.49
C LYS F 156 9.46 16.22 -9.00
N LYS F 157 9.40 17.45 -9.53
CA LYS F 157 9.52 17.67 -10.96
C LYS F 157 10.85 17.18 -11.53
N ASP F 158 11.94 17.40 -10.80
CA ASP F 158 13.27 16.99 -11.27
C ASP F 158 13.36 15.47 -11.42
N VAL F 159 12.62 14.75 -10.59
CA VAL F 159 12.53 13.30 -10.69
C VAL F 159 11.81 12.92 -11.99
N LEU F 160 10.68 13.57 -12.23
CA LEU F 160 9.89 13.35 -13.43
C LEU F 160 10.70 13.58 -14.71
N LYS F 161 11.41 14.70 -14.79
CA LYS F 161 12.27 14.98 -15.94
C LYS F 161 13.31 13.88 -16.13
N HIS F 162 13.73 13.27 -15.03
CA HIS F 162 14.68 12.17 -15.07
C HIS F 162 14.03 10.89 -15.57
N ILE F 163 12.73 10.75 -15.31
CA ILE F 163 11.96 9.60 -15.78
C ILE F 163 11.77 9.65 -17.30
N ALA F 164 11.40 10.82 -17.81
CA ALA F 164 11.24 11.01 -19.25
C ALA F 164 12.56 10.76 -20.00
N GLN F 165 13.67 10.90 -19.29
CA GLN F 165 14.99 10.60 -19.84
C GLN F 165 15.10 9.13 -20.25
N MET F 166 14.44 8.26 -19.51
CA MET F 166 14.47 6.82 -19.80
C MET F 166 13.11 6.31 -20.29
N ILE F 174 13.77 -0.18 -21.98
CA ILE F 174 14.29 -1.40 -21.38
C ILE F 174 14.23 -1.34 -19.85
N LEU F 175 15.09 -0.51 -19.27
CA LEU F 175 15.21 -0.42 -17.81
C LEU F 175 14.22 0.55 -17.18
N PHE F 176 13.31 1.10 -17.98
CA PHE F 176 12.35 2.09 -17.49
C PHE F 176 11.22 1.48 -16.64
N ASN F 177 10.58 0.45 -17.17
CA ASN F 177 9.44 -0.17 -16.49
C ASN F 177 9.83 -0.77 -15.15
N GLU F 178 11.05 -1.28 -15.07
CA GLU F 178 11.54 -1.99 -13.88
C GLU F 178 11.37 -1.24 -12.56
N PHE F 179 11.39 0.09 -12.63
CA PHE F 179 11.26 0.91 -11.43
C PHE F 179 9.81 1.24 -11.15
N LEU F 180 8.96 0.22 -11.12
CA LEU F 180 7.53 0.41 -10.91
C LEU F 180 7.03 -0.33 -9.67
PB ADP G . -14.26 -19.96 8.76
O1B ADP G . -15.38 -20.16 9.91
O2B ADP G . -12.93 -20.68 9.35
O3B ADP G . -14.04 -18.53 8.47
PA ADP G . -15.03 -22.37 7.44
O1A ADP G . -16.42 -22.63 7.86
O2A ADP G . -14.56 -22.95 6.16
O3A ADP G . -14.77 -20.79 7.44
O5' ADP G . -14.03 -22.89 8.59
C5' ADP G . -14.07 -24.25 8.96
C4' ADP G . -13.02 -24.58 10.02
O4' ADP G . -12.52 -25.90 9.74
C3' ADP G . -11.77 -23.71 9.92
O3' ADP G . -11.00 -23.89 11.09
C2' ADP G . -11.04 -24.31 8.73
O2' ADP G . -9.63 -24.28 8.95
C1' ADP G . -11.51 -25.78 8.69
N9 ADP G . -12.01 -26.17 7.32
C8 ADP G . -12.57 -25.34 6.43
N7 ADP G . -12.89 -26.02 5.33
C5 ADP G . -12.53 -27.28 5.52
C6 ADP G . -12.61 -28.42 4.74
N6 ADP G . -13.15 -28.35 3.52
N1 ADP G . -12.14 -29.58 5.22
C2 ADP G . -11.61 -29.65 6.43
N3 ADP G . -11.52 -28.57 7.21
C4 ADP G . -11.97 -27.38 6.78
PB ADP H . 16.44 -13.81 -16.56
O1B ADP H . 14.96 -14.05 -17.13
O2B ADP H . 16.30 -12.49 -15.63
O3B ADP H . 17.40 -13.58 -17.65
PA ADP H . 17.41 -16.45 -16.15
O1A ADP H . 18.63 -16.19 -16.92
O2A ADP H . 17.44 -17.42 -15.04
O3A ADP H . 16.79 -15.06 -15.60
O5' ADP H . 16.30 -16.94 -17.20
C5' ADP H . 16.39 -16.59 -18.59
C4' ADP H . 15.20 -17.16 -19.41
O4' ADP H . 15.13 -18.62 -19.29
C3' ADP H . 13.87 -16.64 -18.90
O3' ADP H . 12.92 -16.66 -19.97
C2' ADP H . 13.51 -17.65 -17.83
O2' ADP H . 12.10 -17.70 -17.60
C1' ADP H . 14.00 -18.97 -18.44
N9 ADP H . 14.48 -19.91 -17.39
C8 ADP H . 14.92 -19.58 -16.18
N7 ADP H . 15.28 -20.68 -15.51
C5 ADP H . 15.06 -21.71 -16.32
C6 ADP H . 15.23 -23.07 -16.17
N6 ADP H . 15.71 -23.56 -15.03
N1 ADP H . 14.90 -23.88 -17.20
C2 ADP H . 14.43 -23.38 -18.33
N3 ADP H . 14.25 -22.08 -18.50
C4 ADP H . 14.55 -21.23 -17.51
PB ADP I . -11.56 16.10 17.32
O1B ADP I . -12.40 15.37 18.49
O2B ADP I . -11.00 14.89 16.42
O3B ADP I . -10.46 16.92 17.87
PA ADP I . -13.40 18.15 17.11
O1A ADP I . -12.78 18.49 18.40
O2A ADP I . -13.58 19.21 16.10
O3A ADP I . -12.60 16.94 16.45
O5' ADP I . -14.84 17.52 17.40
C5' ADP I . -15.19 17.06 18.72
C4' ADP I . -16.48 16.21 18.71
O4' ADP I . -17.61 16.96 18.19
C3' ADP I . -16.30 15.01 17.79
O3' ADP I . -17.01 13.90 18.36
C2' ADP I . -16.95 15.46 16.49
O2' ADP I . -17.54 14.33 15.84
C1' ADP I . -18.04 16.42 16.93
N9 ADP I . -18.15 17.55 15.97
C8 ADP I . -17.20 17.97 15.15
N7 ADP I . -17.65 19.01 14.45
C5 ADP I . -18.90 19.27 14.83
C6 ADP I . -19.84 20.21 14.46
N6 ADP I . -19.55 21.12 13.52
N1 ADP I . -21.03 20.19 15.06
C2 ADP I . -21.31 19.29 15.98
N3 ADP I . -20.44 18.37 16.35
C4 ADP I . -19.22 18.33 15.79
PB ADP J . -18.47 1.12 -19.24
O1B ADP J . -17.84 2.58 -19.54
O2B ADP J . -17.36 0.37 -18.31
O3B ADP J . -18.71 0.37 -20.50
PA ADP J . -21.14 1.79 -19.07
O1A ADP J . -21.71 0.62 -19.76
O2A ADP J . -21.97 2.55 -18.11
O3A ADP J . -19.78 1.33 -18.36
O5' ADP J . -20.59 2.82 -20.19
C5' ADP J . -21.51 3.58 -20.98
C4' ADP J . -21.14 5.07 -21.04
O4' ADP J . -22.29 5.87 -20.64
C3' ADP J . -20.02 5.44 -20.06
O3' ADP J . -19.37 6.64 -20.50
C2' ADP J . -20.79 5.72 -18.78
O2' ADP J . -20.07 6.65 -17.98
C1' ADP J . -22.08 6.37 -19.30
N9 ADP J . -23.22 6.01 -18.40
C8 ADP J . -23.21 5.05 -17.47
N7 ADP J . -24.39 5.02 -16.88
C5 ADP J . -25.16 5.96 -17.42
C6 ADP J . -26.46 6.37 -17.20
N6 ADP J . -27.19 5.76 -16.27
N1 ADP J . -26.96 7.36 -17.93
C2 ADP J . -26.22 7.95 -18.87
N3 ADP J . -24.97 7.59 -19.10
C4 ADP J . -24.42 6.59 -18.39
PB ADP K . 19.74 -5.55 16.34
O1B ADP K . 18.25 -4.94 16.15
O2B ADP K . 20.75 -4.33 16.01
O3B ADP K . 20.00 -6.70 15.46
PA ADP K . 20.32 -4.69 18.84
O1A ADP K . 19.35 -3.60 18.59
O2A ADP K . 20.48 -5.23 20.21
O3A ADP K . 19.91 -5.88 17.89
O5' ADP K . 21.80 -4.29 18.27
C5' ADP K . 22.40 -3.00 18.49
C4' ADP K . 22.11 -2.46 19.92
O4' ADP K . 23.25 -1.70 20.39
C3' ADP K . 20.99 -1.45 19.89
O3' ADP K . 20.59 -1.16 21.23
C2' ADP K . 21.70 -0.24 19.33
O2' ADP K . 20.98 0.93 19.67
C1' ADP K . 23.01 -0.29 20.10
N9 ADP K . 24.15 0.21 19.30
C8 ADP K . 24.38 -0.06 18.01
N7 ADP K . 25.49 0.56 17.62
C5 ADP K . 25.97 1.23 18.66
C6 ADP K . 27.08 2.04 18.86
N6 ADP K . 27.93 2.28 17.86
N1 ADP K . 27.29 2.59 20.07
C2 ADP K . 26.44 2.35 21.06
N3 ADP K . 25.37 1.58 20.92
C4 ADP K . 25.12 1.01 19.72
PB ADP L . 7.65 22.86 -8.98
O1B ADP L . 7.99 21.29 -9.15
O2B ADP L . 8.50 23.32 -7.68
O3B ADP L . 6.19 23.11 -8.84
PA ADP L . 9.89 23.70 -10.30
O1A ADP L . 10.44 22.49 -9.65
O2A ADP L . 10.28 24.02 -11.69
O3A ADP L . 8.30 23.60 -10.25
O5' ADP L . 10.15 24.98 -9.37
C5' ADP L . 11.37 25.16 -8.66
C4' ADP L . 12.58 24.79 -9.53
O4' ADP L . 13.57 25.84 -9.52
C3' ADP L . 13.22 23.54 -8.92
O3' ADP L . 12.93 22.41 -9.75
C2' ADP L . 14.71 23.81 -8.97
O2' ADP L . 15.24 23.35 -10.21
C1' ADP L . 14.78 25.34 -8.88
N9 ADP L . 14.87 25.81 -7.47
C8 ADP L . 13.94 25.62 -6.52
N7 ADP L . 14.35 26.19 -5.39
C5 ADP L . 15.54 26.74 -5.62
C6 ADP L . 16.44 27.44 -4.84
N6 ADP L . 16.15 27.70 -3.55
N1 ADP L . 17.58 27.89 -5.38
C2 ADP L . 17.86 27.64 -6.65
N3 ADP L . 17.02 26.96 -7.43
C4 ADP L . 15.86 26.50 -6.94
#